data_2HKL
#
_entry.id   2HKL
#
_cell.length_a   211.140
_cell.length_b   132.660
_cell.length_c   70.120
_cell.angle_alpha   90.00
_cell.angle_beta   89.98
_cell.angle_gamma   90.00
#
_symmetry.space_group_name_H-M   'C 1 2 1'
#
loop_
_entity.id
_entity.type
_entity.pdbx_description
1 polymer L,D-TRANSPEPTIDASE
2 non-polymer 'SULFATE ION'
3 water water
#
_entity_poly.entity_id   1
_entity_poly.type   'polypeptide(L)'
_entity_poly.pdbx_seq_one_letter_code
;KEQLASMNAIANVKATYSINGETFQIPSSDIMSWLTYNDGKVDLDTEQVRQYVTDLGTKYNTSTNDTKFKSTKRGEVTVP
VGTYSWTIQTDSETEALKKAILAGQDFTRSPIVQGGTTADHPLIEDTYIEVDLENQHMWYYKDGKVALETDIVSGKPTTP
TPAGVFYVWNKEEDATLKGTNDDGTPYESPVNYWMPIDWTGVGIHDSDWQPEYGGDLWKTRGSHGSINTPPSVMKELFGM
VEKGTPVLVF
;
_entity_poly.pdbx_strand_id   A,B,C
#
loop_
_chem_comp.id
_chem_comp.type
_chem_comp.name
_chem_comp.formula
SO4 non-polymer 'SULFATE ION' 'O4 S -2'
#
# COMPACT_ATOMS: atom_id res chain seq x y z
N LYS A 1 26.49 -13.19 -36.77
CA LYS A 1 25.36 -14.10 -36.42
C LYS A 1 24.05 -13.35 -36.72
N GLU A 2 23.01 -13.63 -35.94
CA GLU A 2 21.73 -12.93 -36.13
C GLU A 2 21.82 -11.66 -35.29
N GLN A 3 23.02 -11.42 -34.78
CA GLN A 3 23.31 -10.26 -33.97
C GLN A 3 23.51 -9.02 -34.82
N LEU A 4 24.05 -9.20 -36.01
CA LEU A 4 24.28 -8.07 -36.90
C LEU A 4 22.94 -7.43 -37.30
N ALA A 5 21.94 -8.26 -37.55
CA ALA A 5 20.61 -7.76 -37.92
C ALA A 5 20.10 -6.95 -36.74
N SER A 6 20.40 -7.44 -35.54
CA SER A 6 20.00 -6.80 -34.30
C SER A 6 20.66 -5.43 -34.18
N MET A 7 21.97 -5.39 -34.37
CA MET A 7 22.71 -4.14 -34.28
C MET A 7 22.13 -3.10 -35.21
N ASN A 8 21.72 -3.53 -36.40
CA ASN A 8 21.14 -2.60 -37.35
C ASN A 8 19.78 -2.13 -36.84
N ALA A 9 19.00 -3.07 -36.32
CA ALA A 9 17.68 -2.77 -35.78
C ALA A 9 17.86 -1.70 -34.70
N ILE A 10 18.70 -2.00 -33.72
CA ILE A 10 18.98 -1.08 -32.63
C ILE A 10 19.41 0.28 -33.17
N ALA A 11 20.38 0.29 -34.07
CA ALA A 11 20.88 1.52 -34.65
C ALA A 11 19.76 2.37 -35.22
N ASN A 12 18.66 1.74 -35.61
CA ASN A 12 17.52 2.43 -36.20
C ASN A 12 16.35 2.63 -35.25
N VAL A 13 16.54 2.37 -33.97
CA VAL A 13 15.43 2.54 -33.04
C VAL A 13 15.11 4.02 -32.85
N LYS A 14 13.83 4.30 -32.61
CA LYS A 14 13.39 5.66 -32.38
C LYS A 14 13.10 5.76 -30.89
N ALA A 15 14.14 6.14 -30.15
CA ALA A 15 14.07 6.29 -28.70
C ALA A 15 13.55 7.68 -28.36
N THR A 16 12.31 7.77 -27.88
CA THR A 16 11.73 9.06 -27.54
C THR A 16 11.53 9.29 -26.04
N TYR A 17 11.97 10.45 -25.58
CA TYR A 17 11.82 10.83 -24.18
C TYR A 17 10.69 11.82 -24.01
N SER A 18 10.00 11.71 -22.88
CA SER A 18 8.92 12.62 -22.51
C SER A 18 9.34 13.08 -21.12
N ILE A 19 9.81 14.32 -21.02
CA ILE A 19 10.26 14.87 -19.77
C ILE A 19 9.62 16.23 -19.50
N ASN A 20 8.95 16.33 -18.35
CA ASN A 20 8.30 17.56 -17.95
C ASN A 20 7.44 18.12 -19.08
N GLY A 21 6.73 17.24 -19.78
CA GLY A 21 5.89 17.67 -20.87
C GLY A 21 6.61 17.86 -22.20
N GLU A 22 7.95 17.87 -22.17
CA GLU A 22 8.75 18.05 -23.39
C GLU A 22 8.98 16.69 -24.06
N THR A 23 8.90 16.66 -25.38
CA THR A 23 9.11 15.42 -26.11
C THR A 23 10.24 15.59 -27.11
N PHE A 24 11.11 14.58 -27.18
CA PHE A 24 12.22 14.60 -28.12
C PHE A 24 12.75 13.21 -28.34
N GLN A 25 13.45 13.03 -29.44
CA GLN A 25 13.99 11.74 -29.80
C GLN A 25 15.50 11.75 -29.66
N ILE A 26 16.09 10.63 -29.24
CA ILE A 26 17.54 10.57 -29.11
C ILE A 26 18.08 10.47 -30.53
N PRO A 27 19.08 11.29 -30.84
CA PRO A 27 19.71 11.32 -32.18
C PRO A 27 20.31 9.96 -32.59
N SER A 28 19.97 9.50 -33.80
CA SER A 28 20.48 8.23 -34.30
C SER A 28 21.98 8.18 -34.18
N SER A 29 22.64 9.30 -34.48
CA SER A 29 24.08 9.35 -34.40
C SER A 29 24.56 8.94 -32.99
N ASP A 30 23.81 9.35 -31.95
CA ASP A 30 24.19 8.99 -30.59
C ASP A 30 24.10 7.49 -30.35
N ILE A 31 22.98 6.89 -30.71
CA ILE A 31 22.82 5.46 -30.51
C ILE A 31 23.88 4.69 -31.26
N MET A 32 24.13 5.07 -32.51
CA MET A 32 25.15 4.39 -33.30
C MET A 32 26.49 4.57 -32.63
N SER A 33 26.69 5.74 -32.04
CA SER A 33 27.92 6.03 -31.35
C SER A 33 28.06 5.16 -30.10
N TRP A 34 26.94 4.71 -29.54
CA TRP A 34 26.97 3.88 -28.33
C TRP A 34 27.03 2.39 -28.61
N LEU A 35 26.63 1.99 -29.82
CA LEU A 35 26.65 0.58 -30.19
C LEU A 35 27.96 -0.06 -29.81
N THR A 36 27.87 -1.31 -29.37
CA THR A 36 29.05 -2.04 -28.93
C THR A 36 28.93 -3.54 -29.22
N TYR A 37 30.02 -4.13 -29.69
CA TYR A 37 30.05 -5.57 -29.94
C TYR A 37 31.38 -6.11 -29.47
N ASN A 38 31.33 -6.95 -28.45
CA ASN A 38 32.53 -7.55 -27.88
C ASN A 38 32.19 -8.94 -27.38
N ASP A 39 33.11 -9.88 -27.56
CA ASP A 39 32.90 -11.25 -27.14
C ASP A 39 31.52 -11.76 -27.49
N GLY A 40 31.18 -11.64 -28.76
CA GLY A 40 29.87 -12.09 -29.24
C GLY A 40 28.68 -11.47 -28.55
N LYS A 41 28.86 -10.32 -27.91
CA LYS A 41 27.73 -9.68 -27.23
C LYS A 41 27.42 -8.28 -27.75
N VAL A 42 26.12 -8.02 -27.96
CA VAL A 42 25.70 -6.70 -28.41
C VAL A 42 25.35 -5.91 -27.15
N ASP A 43 25.78 -4.66 -27.08
CA ASP A 43 25.49 -3.85 -25.91
C ASP A 43 25.67 -2.36 -26.21
N LEU A 44 25.62 -1.52 -25.18
CA LEU A 44 25.81 -0.08 -25.38
C LEU A 44 26.91 0.38 -24.43
N ASP A 45 27.66 1.42 -24.81
CA ASP A 45 28.73 1.93 -23.97
C ASP A 45 28.14 2.65 -22.76
N THR A 46 28.07 1.94 -21.64
CA THR A 46 27.50 2.52 -20.43
C THR A 46 27.97 3.95 -20.12
N GLU A 47 29.27 4.17 -20.10
CA GLU A 47 29.78 5.49 -19.79
C GLU A 47 29.09 6.60 -20.58
N GLN A 48 29.04 6.43 -21.89
CA GLN A 48 28.43 7.42 -22.76
C GLN A 48 26.93 7.55 -22.52
N VAL A 49 26.24 6.42 -22.42
CA VAL A 49 24.82 6.45 -22.17
C VAL A 49 24.56 7.13 -20.82
N ARG A 50 25.40 6.84 -19.84
CA ARG A 50 25.22 7.44 -18.53
C ARG A 50 25.43 8.95 -18.61
N GLN A 51 26.38 9.37 -19.42
CA GLN A 51 26.66 10.80 -19.58
C GLN A 51 25.42 11.49 -20.14
N TYR A 52 24.78 10.85 -21.11
CA TYR A 52 23.58 11.40 -21.72
C TYR A 52 22.55 11.59 -20.63
N VAL A 53 22.24 10.50 -19.92
CA VAL A 53 21.27 10.54 -18.86
C VAL A 53 21.64 11.58 -17.83
N THR A 54 22.94 11.75 -17.59
CA THR A 54 23.39 12.75 -16.64
C THR A 54 23.01 14.13 -17.18
N ASP A 55 23.23 14.33 -18.48
CA ASP A 55 22.90 15.58 -19.12
C ASP A 55 21.39 15.84 -18.97
N LEU A 56 20.57 14.83 -19.24
CA LEU A 56 19.13 14.97 -19.10
C LEU A 56 18.80 15.58 -17.74
N GLY A 57 19.41 15.06 -16.68
CA GLY A 57 19.15 15.57 -15.35
C GLY A 57 19.61 17.02 -15.21
N THR A 58 20.79 17.31 -15.75
CA THR A 58 21.33 18.65 -15.67
C THR A 58 20.38 19.63 -16.38
N LYS A 59 19.80 19.14 -17.47
CA LYS A 59 18.90 19.92 -18.31
C LYS A 59 17.43 19.98 -17.86
N TYR A 60 16.93 18.95 -17.20
CA TYR A 60 15.53 18.96 -16.81
C TYR A 60 15.17 18.84 -15.33
N ASN A 61 16.08 18.38 -14.49
CA ASN A 61 15.72 18.22 -13.08
C ASN A 61 15.06 19.46 -12.51
N THR A 62 13.81 19.31 -12.10
CA THR A 62 13.07 20.41 -11.51
C THR A 62 13.60 20.65 -10.11
N SER A 63 14.62 19.88 -9.76
CA SER A 63 15.26 20.02 -8.46
C SER A 63 16.40 21.04 -8.61
N THR A 64 16.86 21.26 -9.84
CA THR A 64 17.93 22.21 -10.10
C THR A 64 17.65 23.13 -11.29
N ASN A 65 16.39 23.15 -11.73
CA ASN A 65 15.97 24.02 -12.82
C ASN A 65 14.65 24.70 -12.45
N ASP A 66 14.65 26.03 -12.41
CA ASP A 66 13.46 26.79 -12.06
C ASP A 66 12.33 26.54 -13.05
N THR A 67 11.12 26.93 -12.67
CA THR A 67 9.94 26.72 -13.51
C THR A 67 9.35 28.01 -14.09
N LYS A 68 9.26 28.09 -15.41
CA LYS A 68 8.68 29.26 -16.07
C LYS A 68 7.18 29.16 -15.78
N PHE A 69 6.64 30.23 -15.21
CA PHE A 69 5.24 30.25 -14.82
C PHE A 69 4.40 31.39 -15.41
N LYS A 70 3.25 31.03 -15.96
CA LYS A 70 2.35 32.02 -16.54
C LYS A 70 1.44 32.55 -15.46
N SER A 71 1.81 33.66 -14.84
CA SER A 71 1.06 34.27 -13.76
C SER A 71 -0.24 34.89 -14.25
N THR A 72 -1.08 35.30 -13.29
CA THR A 72 -2.38 35.90 -13.61
C THR A 72 -2.28 37.39 -13.89
N LYS A 73 -1.33 38.07 -13.26
CA LYS A 73 -1.20 39.50 -13.45
C LYS A 73 0.16 40.02 -13.90
N ARG A 74 1.09 39.15 -14.30
CA ARG A 74 2.39 39.62 -14.71
C ARG A 74 2.97 38.94 -15.95
N GLY A 75 2.17 38.13 -16.62
CA GLY A 75 2.68 37.43 -17.78
C GLY A 75 3.53 36.25 -17.34
N GLU A 76 4.59 35.94 -18.08
CA GLU A 76 5.42 34.81 -17.74
C GLU A 76 6.61 35.18 -16.88
N VAL A 77 6.68 34.58 -15.71
CA VAL A 77 7.77 34.83 -14.78
C VAL A 77 8.50 33.55 -14.43
N THR A 78 9.52 33.68 -13.61
CA THR A 78 10.30 32.53 -13.19
C THR A 78 10.11 32.25 -11.70
N VAL A 79 9.69 31.02 -11.39
CA VAL A 79 9.52 30.63 -10.01
C VAL A 79 10.72 29.73 -9.69
N PRO A 80 11.55 30.14 -8.72
CA PRO A 80 12.73 29.38 -8.33
C PRO A 80 12.37 27.96 -7.87
N VAL A 81 13.37 27.08 -7.86
CA VAL A 81 13.20 25.69 -7.43
C VAL A 81 12.64 25.69 -6.02
N GLY A 82 11.60 24.90 -5.79
CA GLY A 82 11.01 24.85 -4.46
C GLY A 82 11.09 23.47 -3.85
N THR A 83 10.10 23.12 -3.03
CA THR A 83 10.08 21.80 -2.40
C THR A 83 9.41 20.78 -3.30
N TYR A 84 8.60 21.25 -4.24
CA TYR A 84 7.93 20.35 -5.17
C TYR A 84 8.86 20.21 -6.37
N SER A 85 9.49 19.04 -6.51
CA SER A 85 10.41 18.79 -7.60
C SER A 85 10.75 17.31 -7.70
N TRP A 86 11.52 16.95 -8.71
CA TRP A 86 11.95 15.57 -8.92
C TRP A 86 13.36 15.54 -9.51
N THR A 87 14.06 14.42 -9.30
CA THR A 87 15.42 14.27 -9.80
C THR A 87 15.63 12.94 -10.51
N ILE A 88 16.11 12.99 -11.74
CA ILE A 88 16.34 11.76 -12.48
C ILE A 88 17.38 10.87 -11.77
N GLN A 89 17.05 9.59 -11.61
CA GLN A 89 17.96 8.64 -10.97
C GLN A 89 18.87 8.12 -12.06
N THR A 90 20.02 8.75 -12.21
CA THR A 90 20.97 8.42 -13.25
C THR A 90 21.27 6.95 -13.55
N ASP A 91 21.80 6.21 -12.57
CA ASP A 91 22.10 4.81 -12.83
C ASP A 91 20.87 4.01 -13.24
N SER A 92 19.79 4.12 -12.47
CA SER A 92 18.54 3.42 -12.78
C SER A 92 18.09 3.68 -14.22
N GLU A 93 17.98 4.97 -14.56
CA GLU A 93 17.56 5.37 -15.89
C GLU A 93 18.52 4.85 -16.95
N THR A 94 19.82 4.97 -16.69
CA THR A 94 20.79 4.50 -17.66
C THR A 94 20.55 3.01 -17.95
N GLU A 95 20.34 2.23 -16.91
CA GLU A 95 20.10 0.82 -17.13
C GLU A 95 18.80 0.59 -17.86
N ALA A 96 17.76 1.33 -17.49
CA ALA A 96 16.46 1.17 -18.16
C ALA A 96 16.54 1.66 -19.61
N LEU A 97 17.31 2.73 -19.85
CA LEU A 97 17.45 3.27 -21.20
C LEU A 97 18.16 2.25 -22.07
N LYS A 98 19.24 1.70 -21.54
CA LYS A 98 20.03 0.68 -22.24
C LYS A 98 19.15 -0.49 -22.62
N LYS A 99 18.32 -0.90 -21.67
CA LYS A 99 17.44 -2.03 -21.91
C LYS A 99 16.44 -1.70 -23.00
N ALA A 100 15.86 -0.51 -22.92
CA ALA A 100 14.89 -0.07 -23.91
C ALA A 100 15.51 -0.08 -25.30
N ILE A 101 16.65 0.58 -25.43
CA ILE A 101 17.31 0.66 -26.72
C ILE A 101 17.73 -0.72 -27.25
N LEU A 102 18.44 -1.49 -26.45
CA LEU A 102 18.89 -2.80 -26.89
C LEU A 102 17.75 -3.71 -27.33
N ALA A 103 16.53 -3.44 -26.89
CA ALA A 103 15.39 -4.28 -27.28
C ALA A 103 15.05 -4.05 -28.76
N GLY A 104 15.59 -2.95 -29.30
CA GLY A 104 15.38 -2.63 -30.70
C GLY A 104 13.97 -2.33 -31.18
N GLN A 105 13.17 -1.70 -30.32
CA GLN A 105 11.80 -1.33 -30.67
C GLN A 105 11.54 0.13 -30.34
N ASP A 106 10.89 0.85 -31.25
CA ASP A 106 10.62 2.25 -30.97
C ASP A 106 9.88 2.35 -29.65
N PHE A 107 10.12 3.41 -28.91
CA PHE A 107 9.48 3.56 -27.62
C PHE A 107 9.49 5.01 -27.16
N THR A 108 8.57 5.32 -26.25
CA THR A 108 8.45 6.65 -25.68
C THR A 108 8.40 6.46 -24.18
N ARG A 109 9.37 7.01 -23.47
CA ARG A 109 9.42 6.84 -22.02
C ARG A 109 9.67 8.14 -21.27
N SER A 110 9.43 8.09 -19.96
CA SER A 110 9.67 9.20 -19.07
C SER A 110 10.65 8.61 -18.07
N PRO A 111 11.72 9.34 -17.73
CA PRO A 111 12.76 8.87 -16.79
C PRO A 111 12.34 8.48 -15.38
N ILE A 112 13.15 7.61 -14.77
CA ILE A 112 12.93 7.18 -13.39
C ILE A 112 13.39 8.34 -12.52
N VAL A 113 12.54 8.81 -11.64
CA VAL A 113 12.91 9.94 -10.79
C VAL A 113 12.53 9.71 -9.33
N GLN A 114 12.74 10.75 -8.53
CA GLN A 114 12.39 10.74 -7.12
C GLN A 114 11.92 12.13 -6.74
N GLY A 115 10.71 12.24 -6.21
CA GLY A 115 10.20 13.54 -5.83
C GLY A 115 8.69 13.57 -5.69
N GLY A 116 8.15 14.77 -5.60
CA GLY A 116 6.72 14.94 -5.43
C GLY A 116 5.89 14.23 -6.47
N THR A 117 6.39 14.16 -7.69
CA THR A 117 5.64 13.50 -8.76
C THR A 117 6.63 12.98 -9.77
N THR A 118 6.12 12.30 -10.79
CA THR A 118 6.96 11.77 -11.85
C THR A 118 7.11 12.80 -12.98
N ALA A 119 8.04 12.55 -13.90
CA ALA A 119 8.30 13.48 -14.99
C ALA A 119 7.55 13.21 -16.30
N ASP A 120 6.51 12.39 -16.23
CA ASP A 120 5.74 12.05 -17.42
C ASP A 120 4.61 13.05 -17.68
N HIS A 121 4.76 14.26 -17.15
CA HIS A 121 3.77 15.32 -17.34
C HIS A 121 4.42 16.58 -16.80
N PRO A 122 3.87 17.76 -17.14
CA PRO A 122 4.44 19.02 -16.65
C PRO A 122 4.41 19.06 -15.11
N LEU A 123 5.42 19.69 -14.51
CA LEU A 123 5.51 19.80 -13.07
C LEU A 123 4.28 20.55 -12.60
N ILE A 124 3.94 21.59 -13.35
CA ILE A 124 2.80 22.44 -13.06
C ILE A 124 1.77 22.36 -14.18
N GLU A 125 0.59 21.84 -13.86
CA GLU A 125 -0.48 21.72 -14.84
C GLU A 125 -1.56 22.81 -14.67
N ASP A 126 -2.83 22.44 -14.52
CA ASP A 126 -3.86 23.47 -14.40
C ASP A 126 -4.59 23.56 -13.07
N THR A 127 -4.07 22.89 -12.05
CA THR A 127 -4.64 22.96 -10.72
C THR A 127 -3.49 23.35 -9.82
N TYR A 128 -3.60 24.49 -9.16
CA TYR A 128 -2.52 24.95 -8.30
C TYR A 128 -2.90 26.23 -7.57
N ILE A 129 -2.00 26.70 -6.72
CA ILE A 129 -2.21 27.92 -5.97
C ILE A 129 -1.16 28.94 -6.38
N GLU A 130 -1.61 30.12 -6.80
CA GLU A 130 -0.71 31.19 -7.23
C GLU A 130 -0.63 32.25 -6.15
N VAL A 131 0.57 32.52 -5.68
CA VAL A 131 0.77 33.54 -4.66
C VAL A 131 1.70 34.60 -5.23
N ASP A 132 1.11 35.72 -5.66
CA ASP A 132 1.86 36.82 -6.24
C ASP A 132 2.31 37.74 -5.12
N LEU A 133 3.53 37.56 -4.64
CA LEU A 133 4.04 38.39 -3.56
C LEU A 133 4.09 39.88 -3.90
N GLU A 134 4.15 40.18 -5.19
CA GLU A 134 4.23 41.56 -5.62
C GLU A 134 2.88 42.25 -5.41
N ASN A 135 1.81 41.65 -5.93
CA ASN A 135 0.47 42.20 -5.79
C ASN A 135 -0.19 41.63 -4.55
N GLN A 136 0.63 41.08 -3.66
CA GLN A 136 0.15 40.49 -2.42
C GLN A 136 -1.25 39.87 -2.57
N HIS A 137 -1.43 39.09 -3.63
CA HIS A 137 -2.72 38.46 -3.92
C HIS A 137 -2.52 36.95 -4.15
N MET A 138 -3.60 36.18 -4.02
CA MET A 138 -3.53 34.73 -4.19
C MET A 138 -4.75 34.17 -4.89
N TRP A 139 -4.52 33.25 -5.82
CA TRP A 139 -5.59 32.58 -6.57
C TRP A 139 -5.42 31.08 -6.40
N TYR A 140 -6.51 30.35 -6.58
CA TYR A 140 -6.46 28.90 -6.52
C TYR A 140 -7.11 28.39 -7.80
N TYR A 141 -6.30 27.86 -8.71
CA TYR A 141 -6.82 27.35 -9.97
C TYR A 141 -7.16 25.87 -9.89
N LYS A 142 -8.34 25.52 -10.40
CA LYS A 142 -8.81 24.16 -10.41
C LYS A 142 -9.21 23.82 -11.85
N ASP A 143 -8.49 22.88 -12.44
CA ASP A 143 -8.76 22.46 -13.81
C ASP A 143 -8.78 23.64 -14.79
N GLY A 144 -7.89 24.61 -14.56
CA GLY A 144 -7.81 25.74 -15.45
C GLY A 144 -8.61 26.97 -15.08
N LYS A 145 -9.70 26.80 -14.35
CA LYS A 145 -10.53 27.93 -13.97
C LYS A 145 -10.25 28.37 -12.54
N VAL A 146 -10.37 29.68 -12.28
CA VAL A 146 -10.15 30.20 -10.94
C VAL A 146 -11.30 29.76 -10.03
N ALA A 147 -10.97 29.20 -8.88
CA ALA A 147 -11.99 28.73 -7.96
C ALA A 147 -12.04 29.56 -6.68
N LEU A 148 -11.07 30.45 -6.50
CA LEU A 148 -11.05 31.26 -5.31
C LEU A 148 -9.81 32.13 -5.28
N GLU A 149 -10.00 33.43 -5.04
CA GLU A 149 -8.86 34.33 -4.97
C GLU A 149 -9.08 35.26 -3.79
N THR A 150 -8.04 36.02 -3.43
CA THR A 150 -8.12 36.92 -2.30
C THR A 150 -6.79 37.61 -2.06
N ASP A 151 -6.81 38.72 -1.34
CA ASP A 151 -5.56 39.39 -1.03
C ASP A 151 -5.07 38.58 0.15
N ILE A 152 -3.79 38.74 0.48
CA ILE A 152 -3.18 38.02 1.58
C ILE A 152 -2.09 38.90 2.15
N VAL A 153 -1.36 38.39 3.13
CA VAL A 153 -0.28 39.16 3.72
C VAL A 153 0.95 38.27 3.90
N SER A 154 1.98 38.51 3.09
CA SER A 154 3.19 37.72 3.17
C SER A 154 4.01 38.13 4.39
N GLY A 155 5.24 37.61 4.48
CA GLY A 155 6.08 37.93 5.62
C GLY A 155 6.63 39.35 5.60
N LYS A 156 7.11 39.78 6.76
CA LYS A 156 7.69 41.11 6.91
C LYS A 156 9.10 41.11 6.35
N PRO A 157 9.52 42.25 5.76
CA PRO A 157 10.84 42.45 5.17
C PRO A 157 12.01 41.71 5.83
N THR A 158 11.94 41.51 7.15
CA THR A 158 13.01 40.81 7.86
C THR A 158 12.87 39.29 7.77
N THR A 159 11.62 38.80 7.82
CA THR A 159 11.33 37.37 7.69
C THR A 159 10.40 37.22 6.50
N PRO A 160 10.92 37.47 5.29
CA PRO A 160 10.19 37.40 4.03
C PRO A 160 9.70 36.01 3.63
N THR A 161 8.57 35.97 2.92
CA THR A 161 8.05 34.70 2.43
C THR A 161 8.98 34.32 1.29
N PRO A 162 9.56 33.12 1.31
CA PRO A 162 10.46 32.70 0.24
C PRO A 162 9.72 32.39 -1.05
N ALA A 163 10.34 32.69 -2.18
CA ALA A 163 9.74 32.42 -3.47
C ALA A 163 10.14 31.00 -3.82
N GLY A 164 9.30 30.30 -4.58
CA GLY A 164 9.64 28.95 -4.98
C GLY A 164 8.47 28.08 -5.37
N VAL A 165 8.76 26.92 -5.98
CA VAL A 165 7.75 25.97 -6.39
C VAL A 165 7.53 25.03 -5.22
N PHE A 166 6.46 25.27 -4.46
CA PHE A 166 6.15 24.45 -3.30
C PHE A 166 4.87 23.66 -3.56
N TYR A 167 4.30 23.11 -2.50
CA TYR A 167 3.06 22.36 -2.61
C TYR A 167 2.50 22.10 -1.23
N VAL A 168 1.20 21.80 -1.16
CA VAL A 168 0.55 21.51 0.10
C VAL A 168 0.88 20.08 0.46
N TRP A 169 1.83 19.91 1.38
CA TRP A 169 2.20 18.56 1.77
C TRP A 169 1.44 18.06 2.98
N ASN A 170 0.61 18.91 3.57
CA ASN A 170 -0.18 18.49 4.71
C ASN A 170 -1.30 19.48 5.04
N LYS A 171 -2.42 18.97 5.53
CA LYS A 171 -3.56 19.80 5.89
C LYS A 171 -3.91 19.55 7.35
N GLU A 172 -3.93 20.62 8.15
CA GLU A 172 -4.24 20.51 9.57
C GLU A 172 -5.28 21.51 10.04
N GLU A 173 -6.16 21.06 10.94
CA GLU A 173 -7.18 21.93 11.51
C GLU A 173 -6.81 22.19 12.97
N ASP A 174 -7.10 23.40 13.44
CA ASP A 174 -6.81 23.78 14.83
C ASP A 174 -5.39 23.46 15.27
N ALA A 175 -4.41 24.06 14.61
CA ALA A 175 -3.03 23.83 14.95
C ALA A 175 -2.42 25.10 15.50
N THR A 176 -1.29 24.97 16.18
CA THR A 176 -0.61 26.12 16.75
C THR A 176 0.81 26.15 16.23
N LEU A 177 1.16 27.23 15.55
CA LEU A 177 2.50 27.37 15.02
C LEU A 177 3.39 27.96 16.11
N LYS A 178 4.69 27.71 16.03
CA LYS A 178 5.63 28.23 17.02
C LYS A 178 6.74 29.00 16.30
N GLY A 179 7.66 29.59 17.03
CA GLY A 179 8.74 30.31 16.37
C GLY A 179 9.48 31.34 17.19
N THR A 180 10.18 32.24 16.50
CA THR A 180 10.98 33.29 17.12
C THR A 180 10.85 34.63 16.38
N ASN A 181 11.09 35.72 17.10
CA ASN A 181 11.02 37.06 16.50
C ASN A 181 12.41 37.69 16.45
N GLY A 184 15.27 37.33 19.21
CA GLY A 184 14.76 36.23 20.02
C GLY A 184 13.42 36.59 20.61
N THR A 185 12.70 35.57 21.10
CA THR A 185 11.38 35.67 21.74
C THR A 185 10.40 34.69 21.09
N PRO A 186 10.06 33.61 21.79
CA PRO A 186 9.13 32.59 21.27
C PRO A 186 7.72 33.13 21.01
N TYR A 187 7.03 32.57 20.02
CA TYR A 187 5.67 32.98 19.69
C TYR A 187 4.78 31.77 19.43
N GLU A 188 3.46 31.97 19.50
CA GLU A 188 2.51 30.89 19.29
C GLU A 188 1.69 31.04 18.00
N SER A 189 0.47 31.52 18.11
CA SER A 189 -0.42 31.71 16.98
C SER A 189 -1.23 30.48 16.63
N PRO A 190 -2.41 30.33 17.24
CA PRO A 190 -3.30 29.19 17.00
C PRO A 190 -4.05 29.46 15.70
N VAL A 191 -4.33 28.42 14.93
CA VAL A 191 -5.02 28.60 13.66
C VAL A 191 -6.05 27.49 13.40
N ASN A 192 -7.10 27.82 12.66
CA ASN A 192 -8.14 26.86 12.34
C ASN A 192 -7.75 25.96 11.18
N TYR A 193 -7.00 26.51 10.23
CA TYR A 193 -6.56 25.76 9.07
C TYR A 193 -5.10 26.01 8.73
N TRP A 194 -4.33 24.92 8.65
CA TRP A 194 -2.90 25.02 8.37
C TRP A 194 -2.54 24.19 7.14
N MET A 195 -1.70 24.76 6.28
CA MET A 195 -1.24 24.07 5.09
C MET A 195 0.20 24.43 4.82
N PRO A 196 1.14 23.59 5.29
CA PRO A 196 2.57 23.85 5.07
C PRO A 196 2.90 23.67 3.60
N ILE A 197 3.86 24.45 3.10
CA ILE A 197 4.22 24.33 1.70
C ILE A 197 5.72 24.13 1.51
N ASP A 198 6.51 24.38 2.54
CA ASP A 198 7.95 24.18 2.43
C ASP A 198 8.51 23.43 3.65
N TRP A 199 9.83 23.31 3.73
CA TRP A 199 10.46 22.60 4.85
C TRP A 199 11.02 23.53 5.94
N THR A 200 10.48 24.74 6.09
CA THR A 200 10.99 25.62 7.14
C THR A 200 9.88 26.16 8.03
N GLY A 201 8.64 25.93 7.65
CA GLY A 201 7.55 26.43 8.47
C GLY A 201 6.63 27.38 7.72
N VAL A 202 6.96 27.64 6.46
CA VAL A 202 6.14 28.54 5.63
C VAL A 202 4.95 27.76 5.10
N GLY A 203 3.75 28.35 5.18
CA GLY A 203 2.56 27.68 4.70
C GLY A 203 1.41 28.67 4.57
N ILE A 204 0.20 28.15 4.43
CA ILE A 204 -0.99 28.99 4.29
C ILE A 204 -1.95 28.74 5.46
N HIS A 205 -2.45 29.81 6.07
CA HIS A 205 -3.38 29.68 7.20
C HIS A 205 -4.15 30.97 7.46
N ASP A 206 -5.36 30.83 8.02
CA ASP A 206 -6.19 31.98 8.33
C ASP A 206 -5.45 32.96 9.21
N SER A 207 -5.65 34.25 8.95
CA SER A 207 -5.00 35.31 9.71
C SER A 207 -6.04 36.06 10.53
N ASP A 208 -6.67 35.32 11.44
CA ASP A 208 -7.69 35.82 12.33
C ASP A 208 -7.45 37.23 12.90
N TRP A 209 -6.19 37.56 13.13
CA TRP A 209 -5.82 38.85 13.71
C TRP A 209 -5.46 39.97 12.72
N GLN A 210 -5.57 39.72 11.42
CA GLN A 210 -5.24 40.75 10.46
C GLN A 210 -6.48 41.53 10.06
N PRO A 211 -6.47 42.85 10.31
CA PRO A 211 -7.60 43.73 9.99
C PRO A 211 -7.81 43.84 8.49
N GLU A 212 -6.72 44.10 7.77
CA GLU A 212 -6.76 44.22 6.32
C GLU A 212 -5.65 43.41 5.64
N TYR A 213 -5.91 43.03 4.39
CA TYR A 213 -4.97 42.24 3.58
C TYR A 213 -4.70 42.94 2.25
N GLY A 214 -3.60 42.58 1.62
CA GLY A 214 -3.26 43.18 0.33
C GLY A 214 -2.31 44.35 0.45
N GLY A 215 -2.39 45.25 -0.52
CA GLY A 215 -1.53 46.43 -0.53
C GLY A 215 -0.12 46.13 -0.08
N ASP A 216 0.44 47.01 0.73
CA ASP A 216 1.80 46.82 1.24
C ASP A 216 1.78 46.61 2.74
N LEU A 217 0.68 46.05 3.23
CA LEU A 217 0.53 45.78 4.66
C LEU A 217 1.74 45.00 5.19
N TRP A 218 2.22 44.06 4.39
CA TRP A 218 3.35 43.23 4.78
C TRP A 218 4.59 44.03 5.18
N LYS A 219 4.81 45.16 4.52
CA LYS A 219 5.96 46.01 4.84
C LYS A 219 5.85 46.51 6.27
N THR A 220 4.60 46.65 6.73
CA THR A 220 4.29 47.15 8.06
C THR A 220 4.04 46.05 9.10
N ARG A 221 3.14 45.13 8.76
CA ARG A 221 2.80 44.04 9.66
C ARG A 221 2.88 42.65 9.04
N GLY A 222 4.01 42.37 8.40
CA GLY A 222 4.19 41.08 7.75
C GLY A 222 4.38 39.92 8.72
N SER A 223 3.92 38.75 8.30
CA SER A 223 4.01 37.55 9.12
C SER A 223 5.47 37.13 9.29
N HIS A 224 5.68 35.87 9.65
CA HIS A 224 7.04 35.36 9.82
C HIS A 224 7.44 34.58 8.58
N GLY A 225 6.60 34.63 7.56
CA GLY A 225 6.90 33.92 6.32
C GLY A 225 5.69 33.28 5.68
N SER A 226 4.70 32.90 6.47
CA SER A 226 3.51 32.26 5.91
C SER A 226 2.60 33.24 5.20
N ILE A 227 1.69 32.71 4.41
CA ILE A 227 0.75 33.53 3.69
C ILE A 227 -0.51 33.66 4.54
N ASN A 228 -0.63 34.79 5.24
CA ASN A 228 -1.80 35.06 6.09
C ASN A 228 -2.99 35.25 5.17
N THR A 229 -4.05 34.49 5.41
CA THR A 229 -5.24 34.53 4.57
C THR A 229 -6.51 34.88 5.35
N PRO A 230 -7.46 35.57 4.70
CA PRO A 230 -8.72 35.92 5.38
C PRO A 230 -9.40 34.65 5.86
N PRO A 231 -9.73 34.60 7.15
CA PRO A 231 -10.39 33.46 7.82
C PRO A 231 -11.47 32.71 7.02
N SER A 232 -12.50 33.41 6.57
CA SER A 232 -13.57 32.76 5.83
C SER A 232 -13.09 32.20 4.49
N VAL A 233 -12.14 32.90 3.87
CA VAL A 233 -11.57 32.46 2.59
C VAL A 233 -10.75 31.20 2.85
N MET A 234 -9.83 31.30 3.81
CA MET A 234 -8.96 30.19 4.21
C MET A 234 -9.75 28.93 4.45
N LYS A 235 -10.89 29.08 5.11
CA LYS A 235 -11.74 27.93 5.42
C LYS A 235 -12.28 27.33 4.14
N GLU A 236 -12.68 28.17 3.22
CA GLU A 236 -13.22 27.69 1.96
C GLU A 236 -12.08 27.10 1.12
N LEU A 237 -10.89 27.70 1.24
CA LEU A 237 -9.74 27.22 0.51
C LEU A 237 -9.40 25.82 1.02
N PHE A 238 -9.12 25.74 2.32
CA PHE A 238 -8.77 24.49 2.98
C PHE A 238 -9.78 23.40 2.64
N GLY A 239 -11.03 23.80 2.45
CA GLY A 239 -12.05 22.85 2.13
C GLY A 239 -11.94 22.20 0.76
N MET A 240 -11.31 22.86 -0.20
CA MET A 240 -11.22 22.27 -1.53
C MET A 240 -9.83 21.92 -2.04
N VAL A 241 -8.80 22.51 -1.44
CA VAL A 241 -7.44 22.21 -1.87
C VAL A 241 -7.01 20.83 -1.38
N GLU A 242 -6.69 19.98 -2.33
CA GLU A 242 -6.26 18.63 -2.02
C GLU A 242 -4.76 18.60 -1.74
N LYS A 243 -4.34 17.72 -0.83
CA LYS A 243 -2.93 17.59 -0.52
C LYS A 243 -2.21 17.24 -1.81
N GLY A 244 -1.07 17.88 -2.06
CA GLY A 244 -0.33 17.60 -3.28
C GLY A 244 -0.47 18.71 -4.32
N THR A 245 -1.30 19.69 -4.01
CA THR A 245 -1.51 20.82 -4.91
C THR A 245 -0.31 21.74 -4.93
N PRO A 246 0.26 21.99 -6.12
CA PRO A 246 1.42 22.87 -6.26
C PRO A 246 1.09 24.29 -5.81
N VAL A 247 2.08 24.97 -5.25
CA VAL A 247 1.87 26.33 -4.81
C VAL A 247 3.04 27.16 -5.28
N LEU A 248 2.76 28.07 -6.20
CA LEU A 248 3.81 28.92 -6.74
C LEU A 248 3.85 30.28 -6.07
N VAL A 249 5.02 30.59 -5.50
CA VAL A 249 5.25 31.85 -4.82
C VAL A 249 6.39 32.57 -5.51
N PHE A 250 6.11 33.76 -6.03
CA PHE A 250 7.10 34.59 -6.72
C PHE A 250 6.92 36.07 -6.36
N LYS B 1 12.32 11.13 41.35
CA LYS B 1 12.80 9.74 41.64
C LYS B 1 13.69 9.20 40.52
N GLU B 2 14.24 8.01 40.74
CA GLU B 2 15.12 7.33 39.78
C GLU B 2 14.46 7.11 38.41
N GLN B 3 13.20 7.53 38.26
CA GLN B 3 12.50 7.40 36.99
C GLN B 3 12.85 8.58 36.09
N LEU B 4 13.80 9.38 36.55
CA LEU B 4 14.29 10.51 35.79
C LEU B 4 15.26 9.87 34.82
N ALA B 5 15.90 8.79 35.28
CA ALA B 5 16.86 8.04 34.47
C ALA B 5 16.08 7.36 33.36
N SER B 6 14.83 7.04 33.68
CA SER B 6 13.90 6.42 32.75
C SER B 6 13.63 7.43 31.64
N MET B 7 13.31 8.65 32.05
CA MET B 7 13.05 9.72 31.09
C MET B 7 14.27 9.97 30.20
N ASN B 8 15.45 9.91 30.80
CA ASN B 8 16.67 10.14 30.04
C ASN B 8 16.81 9.02 29.02
N ALA B 9 16.54 7.80 29.45
CA ALA B 9 16.61 6.65 28.57
C ALA B 9 15.62 6.84 27.41
N ILE B 10 14.37 7.15 27.75
CA ILE B 10 13.34 7.34 26.75
C ILE B 10 13.76 8.43 25.75
N ALA B 11 14.12 9.59 26.27
CA ALA B 11 14.52 10.71 25.43
C ALA B 11 15.64 10.34 24.47
N ASN B 12 16.35 9.26 24.75
CA ASN B 12 17.45 8.84 23.91
C ASN B 12 17.18 7.62 23.04
N VAL B 13 15.97 7.06 23.15
CA VAL B 13 15.64 5.87 22.36
C VAL B 13 15.65 6.14 20.87
N LYS B 14 16.04 5.14 20.09
CA LYS B 14 16.05 5.28 18.65
C LYS B 14 14.84 4.53 18.09
N ALA B 15 13.79 5.29 17.79
CA ALA B 15 12.55 4.76 17.25
C ALA B 15 12.66 4.67 15.74
N THR B 16 12.73 3.46 15.21
CA THR B 16 12.83 3.29 13.76
C THR B 16 11.55 2.76 13.12
N TYR B 17 11.06 3.49 12.13
CA TYR B 17 9.86 3.11 11.39
C TYR B 17 10.24 2.54 10.04
N SER B 18 9.42 1.64 9.56
CA SER B 18 9.61 1.04 8.24
C SER B 18 8.23 1.11 7.61
N ILE B 19 8.08 2.02 6.65
CA ILE B 19 6.79 2.19 5.98
C ILE B 19 6.93 2.18 4.48
N ASN B 20 6.14 1.32 3.84
CA ASN B 20 6.15 1.19 2.39
C ASN B 20 7.57 1.14 1.81
N GLY B 21 8.46 0.40 2.46
CA GLY B 21 9.82 0.28 1.96
C GLY B 21 10.76 1.40 2.35
N GLU B 22 10.30 2.36 3.14
CA GLU B 22 11.15 3.46 3.57
C GLU B 22 11.47 3.36 5.06
N THR B 23 12.73 3.60 5.41
CA THR B 23 13.16 3.53 6.78
C THR B 23 13.65 4.86 7.30
N PHE B 24 13.28 5.19 8.53
CA PHE B 24 13.69 6.46 9.14
C PHE B 24 13.49 6.41 10.65
N GLN B 25 14.16 7.32 11.34
CA GLN B 25 14.06 7.41 12.80
C GLN B 25 13.21 8.60 13.21
N ILE B 26 12.41 8.42 14.24
CA ILE B 26 11.63 9.54 14.74
C ILE B 26 12.66 10.48 15.36
N PRO B 27 12.71 11.75 14.92
CA PRO B 27 13.67 12.72 15.45
C PRO B 27 13.66 12.78 16.96
N SER B 28 14.84 12.66 17.56
CA SER B 28 14.93 12.69 19.01
C SER B 28 14.32 13.98 19.60
N SER B 29 14.34 15.06 18.82
CA SER B 29 13.80 16.32 19.30
C SER B 29 12.29 16.17 19.52
N ASP B 30 11.64 15.39 18.66
CA ASP B 30 10.21 15.15 18.78
C ASP B 30 9.88 14.41 20.07
N ILE B 31 10.68 13.40 20.36
CA ILE B 31 10.48 12.62 21.56
C ILE B 31 10.66 13.47 22.81
N MET B 32 11.77 14.20 22.89
CA MET B 32 12.00 15.06 24.06
C MET B 32 10.78 15.97 24.22
N SER B 33 10.21 16.35 23.09
CA SER B 33 9.04 17.22 23.08
C SER B 33 7.79 16.50 23.59
N TRP B 34 7.70 15.19 23.35
CA TRP B 34 6.53 14.43 23.78
C TRP B 34 6.58 14.02 25.25
N LEU B 35 7.80 13.98 25.80
CA LEU B 35 7.99 13.58 27.19
C LEU B 35 7.06 14.27 28.17
N THR B 36 6.70 13.51 29.19
CA THR B 36 5.77 13.99 30.20
C THR B 36 6.03 13.42 31.58
N TYR B 37 5.89 14.27 32.58
CA TYR B 37 6.04 13.84 33.94
C TYR B 37 5.02 14.61 34.76
N ASN B 38 4.08 13.87 35.33
CA ASN B 38 3.01 14.46 36.13
C ASN B 38 2.54 13.45 37.16
N ASP B 39 2.41 13.89 38.40
CA ASP B 39 1.98 13.03 39.49
C ASP B 39 2.80 11.77 39.55
N GLY B 40 4.12 11.94 39.52
CA GLY B 40 5.02 10.81 39.58
C GLY B 40 4.94 9.82 38.44
N LYS B 41 4.24 10.18 37.36
CA LYS B 41 4.10 9.29 36.20
C LYS B 41 4.82 9.79 34.95
N VAL B 42 5.66 8.95 34.37
CA VAL B 42 6.35 9.30 33.15
C VAL B 42 5.43 8.91 31.98
N ASP B 43 5.38 9.72 30.94
CA ASP B 43 4.51 9.41 29.81
C ASP B 43 4.88 10.24 28.58
N LEU B 44 3.96 10.29 27.61
CA LEU B 44 4.13 11.08 26.40
C LEU B 44 2.80 11.76 26.12
N ASP B 45 2.86 12.96 25.56
CA ASP B 45 1.66 13.72 25.24
C ASP B 45 0.86 13.00 24.14
N THR B 46 -0.14 12.22 24.54
CA THR B 46 -0.94 11.48 23.57
C THR B 46 -1.33 12.30 22.35
N GLU B 47 -1.78 13.53 22.60
CA GLU B 47 -2.18 14.42 21.52
C GLU B 47 -1.06 14.62 20.48
N GLN B 48 0.14 14.95 20.94
CA GLN B 48 1.25 15.16 20.04
C GLN B 48 1.68 13.88 19.31
N VAL B 49 1.66 12.75 20.01
CA VAL B 49 2.05 11.49 19.40
C VAL B 49 0.98 11.11 18.37
N ARG B 50 -0.29 11.35 18.69
CA ARG B 50 -1.37 11.02 17.77
C ARG B 50 -1.29 11.88 16.51
N GLN B 51 -0.82 13.11 16.66
CA GLN B 51 -0.70 13.99 15.52
C GLN B 51 0.40 13.44 14.62
N TYR B 52 1.51 13.03 15.22
CA TYR B 52 2.63 12.46 14.46
C TYR B 52 2.14 11.26 13.65
N VAL B 53 1.45 10.34 14.31
CA VAL B 53 0.94 9.16 13.63
C VAL B 53 -0.07 9.55 12.56
N THR B 54 -0.89 10.56 12.86
CA THR B 54 -1.86 11.01 11.88
C THR B 54 -1.08 11.45 10.63
N ASP B 55 0.01 12.18 10.85
CA ASP B 55 0.86 12.66 9.74
C ASP B 55 1.53 11.55 8.94
N LEU B 56 1.95 10.48 9.61
CA LEU B 56 2.56 9.36 8.92
C LEU B 56 1.52 8.79 7.98
N GLY B 57 0.27 8.85 8.41
CA GLY B 57 -0.82 8.35 7.60
C GLY B 57 -1.02 9.19 6.36
N THR B 58 -1.11 10.51 6.53
CA THR B 58 -1.33 11.32 5.35
C THR B 58 -0.10 11.33 4.44
N LYS B 59 1.04 10.90 4.97
CA LYS B 59 2.27 10.86 4.19
C LYS B 59 2.48 9.53 3.47
N TYR B 60 2.13 8.42 4.11
CA TYR B 60 2.35 7.10 3.53
C TYR B 60 1.15 6.23 3.19
N ASN B 61 -0.06 6.54 3.69
CA ASN B 61 -1.20 5.69 3.38
C ASN B 61 -1.34 5.50 1.89
N THR B 62 -1.27 4.24 1.46
CA THR B 62 -1.39 3.91 0.05
C THR B 62 -2.85 4.00 -0.38
N SER B 63 -3.71 4.33 0.56
CA SER B 63 -5.13 4.48 0.27
C SER B 63 -5.43 5.93 -0.12
N THR B 64 -4.46 6.81 0.09
CA THR B 64 -4.65 8.22 -0.27
C THR B 64 -3.42 8.82 -0.95
N ASN B 65 -2.42 7.97 -1.23
CA ASN B 65 -1.19 8.41 -1.91
C ASN B 65 -0.97 7.52 -3.13
N ASP B 66 -0.72 8.12 -4.29
CA ASP B 66 -0.50 7.34 -5.51
C ASP B 66 0.83 6.60 -5.44
N THR B 67 1.03 5.71 -6.42
CA THR B 67 2.25 4.89 -6.48
C THR B 67 3.06 5.11 -7.77
N LYS B 68 4.36 5.39 -7.62
CA LYS B 68 5.23 5.56 -8.77
C LYS B 68 5.44 4.17 -9.33
N PHE B 69 5.24 4.01 -10.63
CA PHE B 69 5.42 2.71 -11.24
C PHE B 69 6.35 2.73 -12.43
N LYS B 70 7.29 1.79 -12.44
CA LYS B 70 8.24 1.66 -13.53
C LYS B 70 7.62 0.70 -14.53
N SER B 71 6.96 1.24 -15.55
CA SER B 71 6.30 0.41 -16.56
C SER B 71 7.34 -0.22 -17.47
N THR B 72 6.91 -1.21 -18.24
CA THR B 72 7.82 -1.91 -19.15
C THR B 72 8.20 -1.10 -20.38
N LYS B 73 7.24 -0.44 -20.99
CA LYS B 73 7.49 0.32 -22.20
C LYS B 73 7.50 1.85 -22.10
N ARG B 74 6.84 2.41 -21.10
CA ARG B 74 6.78 3.87 -21.02
C ARG B 74 7.61 4.56 -19.96
N GLY B 75 8.48 3.84 -19.28
CA GLY B 75 9.28 4.49 -18.26
C GLY B 75 8.48 4.59 -16.97
N GLU B 76 8.79 5.59 -16.14
CA GLU B 76 8.10 5.73 -14.88
C GLU B 76 6.90 6.67 -14.87
N VAL B 77 5.79 6.16 -14.36
CA VAL B 77 4.55 6.91 -14.26
C VAL B 77 4.01 6.84 -12.84
N THR B 78 2.87 7.47 -12.62
CA THR B 78 2.24 7.45 -11.32
C THR B 78 0.85 6.82 -11.46
N VAL B 79 0.70 5.61 -10.94
CA VAL B 79 -0.56 4.91 -10.99
C VAL B 79 -1.40 5.46 -9.84
N PRO B 80 -2.67 5.75 -10.09
CA PRO B 80 -3.54 6.30 -9.04
C PRO B 80 -3.95 5.26 -7.99
N VAL B 81 -4.29 5.76 -6.81
CA VAL B 81 -4.75 4.93 -5.71
C VAL B 81 -5.87 4.03 -6.25
N GLY B 82 -5.80 2.74 -5.92
CA GLY B 82 -6.81 1.80 -6.36
C GLY B 82 -7.42 1.00 -5.22
N THR B 83 -7.90 -0.20 -5.51
CA THR B 83 -8.49 -1.03 -4.48
C THR B 83 -7.44 -1.67 -3.59
N TYR B 84 -6.24 -1.87 -4.13
CA TYR B 84 -5.17 -2.46 -3.35
C TYR B 84 -4.53 -1.35 -2.54
N SER B 85 -4.66 -1.41 -1.22
CA SER B 85 -4.08 -0.39 -0.36
C SER B 85 -4.26 -0.72 1.11
N TRP B 86 -3.74 0.17 1.96
CA TRP B 86 -3.85 0.05 3.40
C TRP B 86 -3.90 1.42 4.06
N THR B 87 -4.41 1.45 5.28
CA THR B 87 -4.52 2.69 6.02
C THR B 87 -4.06 2.48 7.43
N ILE B 88 -3.20 3.37 7.90
CA ILE B 88 -2.71 3.27 9.26
C ILE B 88 -3.87 3.51 10.25
N GLN B 89 -3.99 2.65 11.24
CA GLN B 89 -5.03 2.79 12.26
C GLN B 89 -4.46 3.69 13.35
N THR B 90 -4.72 4.98 13.21
CA THR B 90 -4.19 5.99 14.11
C THR B 90 -4.18 5.70 15.61
N ASP B 91 -5.35 5.44 16.18
CA ASP B 91 -5.43 5.18 17.62
C ASP B 91 -4.63 3.96 18.07
N SER B 92 -4.73 2.85 17.35
CA SER B 92 -3.97 1.66 17.70
C SER B 92 -2.46 1.93 17.64
N GLU B 93 -2.00 2.47 16.51
CA GLU B 93 -0.58 2.79 16.31
C GLU B 93 -0.08 3.73 17.38
N THR B 94 -0.90 4.71 17.72
CA THR B 94 -0.51 5.66 18.74
C THR B 94 -0.19 4.90 20.01
N GLU B 95 -1.14 4.10 20.48
CA GLU B 95 -0.90 3.32 21.68
C GLU B 95 0.33 2.43 21.53
N ALA B 96 0.45 1.76 20.39
CA ALA B 96 1.60 0.90 20.17
C ALA B 96 2.91 1.71 20.16
N LEU B 97 2.88 2.86 19.49
CA LEU B 97 4.07 3.70 19.40
C LEU B 97 4.45 4.17 20.80
N LYS B 98 3.46 4.68 21.55
CA LYS B 98 3.72 5.15 22.90
C LYS B 98 4.37 4.05 23.71
N LYS B 99 3.71 2.91 23.79
CA LYS B 99 4.23 1.79 24.56
C LYS B 99 5.67 1.48 24.16
N ALA B 100 5.93 1.44 22.86
CA ALA B 100 7.29 1.14 22.41
C ALA B 100 8.30 2.14 22.97
N ILE B 101 8.05 3.43 22.73
CA ILE B 101 8.96 4.48 23.18
C ILE B 101 9.15 4.51 24.69
N LEU B 102 8.06 4.41 25.45
CA LEU B 102 8.15 4.42 26.91
C LEU B 102 8.96 3.22 27.43
N ALA B 103 9.00 2.15 26.64
CA ALA B 103 9.74 0.96 27.02
C ALA B 103 11.23 1.30 27.06
N GLY B 104 11.57 2.46 26.51
CA GLY B 104 12.95 2.93 26.51
C GLY B 104 14.03 2.09 25.86
N GLN B 105 13.71 1.36 24.80
CA GLN B 105 14.71 0.56 24.11
C GLN B 105 14.59 0.77 22.62
N ASP B 106 15.72 0.86 21.93
CA ASP B 106 15.69 1.05 20.49
C ASP B 106 14.75 0.00 19.90
N PHE B 107 14.10 0.34 18.80
CA PHE B 107 13.16 -0.60 18.19
C PHE B 107 12.81 -0.17 16.78
N THR B 108 12.33 -1.13 16.02
CA THR B 108 11.91 -0.89 14.64
C THR B 108 10.54 -1.51 14.48
N ARG B 109 9.62 -0.76 13.88
CA ARG B 109 8.27 -1.29 13.67
C ARG B 109 7.66 -0.78 12.39
N SER B 110 6.62 -1.48 11.95
CA SER B 110 5.85 -1.09 10.79
C SER B 110 4.49 -0.81 11.39
N PRO B 111 3.81 0.26 10.94
CA PRO B 111 2.49 0.62 11.47
C PRO B 111 1.37 -0.41 11.36
N ILE B 112 0.43 -0.32 12.30
CA ILE B 112 -0.74 -1.18 12.34
C ILE B 112 -1.68 -0.64 11.26
N VAL B 113 -2.08 -1.49 10.32
CA VAL B 113 -2.96 -1.03 9.26
C VAL B 113 -4.05 -2.02 8.91
N GLN B 114 -4.94 -1.57 8.02
CA GLN B 114 -6.02 -2.38 7.50
C GLN B 114 -6.03 -2.20 5.99
N GLY B 115 -6.25 -3.30 5.27
CA GLY B 115 -6.27 -3.25 3.83
C GLY B 115 -5.74 -4.54 3.21
N GLY B 116 -5.40 -4.47 1.92
CA GLY B 116 -4.93 -5.65 1.21
C GLY B 116 -3.68 -6.31 1.77
N THR B 117 -2.76 -5.51 2.30
CA THR B 117 -1.53 -6.05 2.85
C THR B 117 -1.06 -5.14 3.97
N THR B 118 0.12 -5.43 4.49
CA THR B 118 0.70 -4.65 5.57
C THR B 118 1.71 -3.65 4.99
N ALA B 119 2.18 -2.72 5.81
CA ALA B 119 3.11 -1.69 5.34
C ALA B 119 4.57 -1.95 5.63
N ASP B 120 4.92 -3.21 5.85
CA ASP B 120 6.29 -3.57 6.15
C ASP B 120 7.10 -3.92 4.92
N HIS B 121 6.61 -3.53 3.75
CA HIS B 121 7.29 -3.79 2.48
C HIS B 121 6.68 -2.87 1.44
N PRO B 122 7.36 -2.67 0.31
CA PRO B 122 6.81 -1.79 -0.72
C PRO B 122 5.47 -2.34 -1.18
N LEU B 123 4.48 -1.46 -1.39
CA LEU B 123 3.17 -1.90 -1.83
C LEU B 123 3.29 -2.78 -3.07
N ILE B 124 4.13 -2.34 -4.00
CA ILE B 124 4.38 -3.08 -5.24
C ILE B 124 5.82 -3.56 -5.21
N GLU B 125 6.02 -4.86 -5.41
CA GLU B 125 7.37 -5.40 -5.38
C GLU B 125 7.79 -5.86 -6.76
N ASP B 126 7.95 -7.17 -6.98
CA ASP B 126 8.37 -7.63 -8.29
C ASP B 126 7.55 -8.78 -8.86
N THR B 127 6.31 -8.91 -8.38
CA THR B 127 5.39 -9.91 -8.87
C THR B 127 4.07 -9.17 -9.00
N TYR B 128 3.63 -8.95 -10.23
CA TYR B 128 2.41 -8.20 -10.46
C TYR B 128 1.97 -8.31 -11.90
N ILE B 129 0.75 -7.86 -12.18
CA ILE B 129 0.23 -7.86 -13.52
C ILE B 129 0.28 -6.40 -13.96
N GLU B 130 0.91 -6.14 -15.08
CA GLU B 130 1.03 -4.80 -15.60
C GLU B 130 0.06 -4.66 -16.77
N VAL B 131 -0.82 -3.68 -16.71
CA VAL B 131 -1.75 -3.46 -17.80
C VAL B 131 -1.54 -2.07 -18.38
N ASP B 132 -0.78 -2.02 -19.47
CA ASP B 132 -0.47 -0.77 -20.15
C ASP B 132 -1.65 -0.43 -21.07
N LEU B 133 -2.47 0.54 -20.66
CA LEU B 133 -3.63 0.89 -21.47
C LEU B 133 -3.27 1.57 -22.79
N GLU B 134 -2.34 2.51 -22.75
CA GLU B 134 -1.93 3.23 -23.95
C GLU B 134 -1.49 2.24 -25.02
N ASN B 135 -0.67 1.28 -24.62
CA ASN B 135 -0.17 0.30 -25.56
C ASN B 135 -1.00 -0.97 -25.56
N GLN B 136 -2.15 -0.90 -24.91
CA GLN B 136 -3.09 -2.01 -24.83
C GLN B 136 -2.40 -3.36 -24.70
N HIS B 137 -1.42 -3.44 -23.81
CA HIS B 137 -0.66 -4.66 -23.60
C HIS B 137 -0.63 -5.04 -22.11
N MET B 138 -0.42 -6.32 -21.83
CA MET B 138 -0.38 -6.82 -20.45
C MET B 138 0.79 -7.76 -20.15
N TRP B 139 1.41 -7.57 -19.00
CA TRP B 139 2.52 -8.40 -18.60
C TRP B 139 2.20 -9.01 -17.25
N TYR B 140 2.79 -10.18 -16.99
CA TYR B 140 2.64 -10.80 -15.70
C TYR B 140 4.05 -11.03 -15.20
N TYR B 141 4.47 -10.23 -14.23
CA TYR B 141 5.80 -10.37 -13.68
C TYR B 141 5.83 -11.30 -12.49
N LYS B 142 6.81 -12.18 -12.46
CA LYS B 142 6.97 -13.12 -11.37
C LYS B 142 8.42 -13.03 -10.95
N ASP B 143 8.64 -12.54 -9.74
CA ASP B 143 10.00 -12.40 -9.23
C ASP B 143 10.91 -11.59 -10.14
N GLY B 144 10.40 -10.46 -10.64
CA GLY B 144 11.19 -9.58 -11.48
C GLY B 144 11.39 -10.01 -12.92
N LYS B 145 10.75 -11.08 -13.34
CA LYS B 145 10.89 -11.56 -14.70
C LYS B 145 9.53 -11.74 -15.33
N VAL B 146 9.43 -11.42 -16.62
CA VAL B 146 8.18 -11.57 -17.34
C VAL B 146 7.90 -13.05 -17.49
N ALA B 147 6.75 -13.49 -17.02
CA ALA B 147 6.42 -14.90 -17.12
C ALA B 147 5.35 -15.11 -18.18
N LEU B 148 4.71 -14.02 -18.60
CA LEU B 148 3.67 -14.07 -19.61
C LEU B 148 3.27 -12.67 -20.02
N GLU B 149 2.99 -12.46 -21.29
CA GLU B 149 2.56 -11.14 -21.75
C GLU B 149 1.65 -11.32 -22.95
N THR B 150 0.94 -10.27 -23.33
CA THR B 150 0.00 -10.40 -24.45
C THR B 150 -0.77 -9.13 -24.72
N ASP B 151 -1.28 -9.00 -25.94
CA ASP B 151 -2.09 -7.86 -26.29
C ASP B 151 -3.41 -8.11 -25.60
N ILE B 152 -4.16 -7.06 -25.33
CA ILE B 152 -5.44 -7.21 -24.67
C ILE B 152 -6.41 -6.17 -25.19
N VAL B 153 -7.67 -6.29 -24.82
CA VAL B 153 -8.65 -5.30 -25.25
C VAL B 153 -9.33 -4.77 -24.00
N SER B 154 -9.03 -3.51 -23.65
CA SER B 154 -9.60 -2.89 -22.46
C SER B 154 -11.02 -2.41 -22.75
N GLY B 155 -11.51 -1.45 -21.97
CA GLY B 155 -12.86 -0.95 -22.15
C GLY B 155 -13.05 0.07 -23.25
N LYS B 156 -14.26 0.11 -23.81
CA LYS B 156 -14.61 1.05 -24.86
C LYS B 156 -14.66 2.44 -24.25
N PRO B 157 -14.38 3.48 -25.04
CA PRO B 157 -14.40 4.87 -24.58
C PRO B 157 -15.53 5.27 -23.62
N THR B 158 -16.72 4.73 -23.81
CA THR B 158 -17.88 5.06 -22.95
C THR B 158 -17.81 4.39 -21.57
N THR B 159 -17.10 3.27 -21.50
CA THR B 159 -16.93 2.52 -20.26
C THR B 159 -15.45 2.10 -20.21
N PRO B 160 -14.55 3.07 -19.97
CA PRO B 160 -13.10 2.86 -19.90
C PRO B 160 -12.63 2.02 -18.72
N THR B 161 -11.54 1.27 -18.93
CA THR B 161 -10.95 0.50 -17.84
C THR B 161 -10.37 1.57 -16.93
N PRO B 162 -10.72 1.57 -15.64
CA PRO B 162 -10.18 2.59 -14.74
C PRO B 162 -8.70 2.38 -14.39
N ALA B 163 -7.94 3.46 -14.31
CA ALA B 163 -6.54 3.35 -13.94
C ALA B 163 -6.47 3.20 -12.43
N GLY B 164 -5.44 2.52 -11.94
CA GLY B 164 -5.31 2.37 -10.50
C GLY B 164 -4.56 1.16 -10.01
N VAL B 165 -4.15 1.20 -8.75
CA VAL B 165 -3.45 0.08 -8.14
C VAL B 165 -4.52 -0.87 -7.63
N PHE B 166 -4.80 -1.92 -8.40
CA PHE B 166 -5.79 -2.93 -8.04
C PHE B 166 -5.08 -4.24 -7.71
N TYR B 167 -5.86 -5.29 -7.48
CA TYR B 167 -5.26 -6.60 -7.20
C TYR B 167 -6.27 -7.71 -7.43
N VAL B 168 -5.77 -8.92 -7.61
CA VAL B 168 -6.62 -10.08 -7.84
C VAL B 168 -7.24 -10.53 -6.53
N TRP B 169 -8.42 -10.02 -6.21
CA TRP B 169 -9.04 -10.41 -4.96
C TRP B 169 -9.85 -11.70 -5.00
N ASN B 170 -9.83 -12.39 -6.14
CA ASN B 170 -10.58 -13.64 -6.26
C ASN B 170 -10.37 -14.30 -7.64
N LYS B 171 -10.32 -15.63 -7.65
CA LYS B 171 -10.15 -16.40 -8.88
C LYS B 171 -11.39 -17.29 -8.98
N GLU B 172 -12.14 -17.11 -10.06
CA GLU B 172 -13.38 -17.83 -10.28
C GLU B 172 -13.39 -18.48 -11.65
N GLU B 173 -13.81 -19.75 -11.71
CA GLU B 173 -13.90 -20.47 -12.98
C GLU B 173 -15.35 -20.52 -13.41
N ASP B 174 -15.56 -20.76 -14.71
CA ASP B 174 -16.91 -20.84 -15.28
C ASP B 174 -17.88 -19.91 -14.56
N ALA B 175 -17.66 -18.60 -14.74
CA ALA B 175 -18.51 -17.59 -14.13
C ALA B 175 -19.29 -16.85 -15.20
N THR B 176 -20.20 -15.98 -14.77
CA THR B 176 -21.01 -15.21 -15.70
C THR B 176 -21.14 -13.76 -15.26
N LEU B 177 -20.46 -12.87 -15.99
CA LEU B 177 -20.50 -11.45 -15.67
C LEU B 177 -21.83 -10.87 -16.11
N LYS B 178 -22.34 -9.89 -15.37
CA LYS B 178 -23.61 -9.26 -15.70
C LYS B 178 -23.51 -7.75 -15.64
N GLY B 179 -24.12 -7.07 -16.60
CA GLY B 179 -24.06 -5.62 -16.62
C GLY B 179 -25.21 -4.93 -17.33
N THR B 180 -24.98 -3.70 -17.76
CA THR B 180 -26.00 -2.91 -18.44
C THR B 180 -25.38 -1.92 -19.43
N ASN B 181 -25.88 -1.91 -20.67
CA ASN B 181 -25.36 -1.01 -21.71
C ASN B 181 -25.96 0.39 -21.59
N GLY B 184 -29.96 1.52 -20.20
CA GLY B 184 -30.60 0.22 -20.24
C GLY B 184 -30.00 -0.69 -21.29
N THR B 185 -30.40 -1.96 -21.25
CA THR B 185 -29.95 -3.03 -22.17
C THR B 185 -29.15 -4.09 -21.41
N PRO B 186 -29.82 -4.85 -20.52
CA PRO B 186 -29.18 -5.91 -19.72
C PRO B 186 -28.39 -6.93 -20.56
N TYR B 187 -27.28 -7.42 -20.00
CA TYR B 187 -26.45 -8.41 -20.71
C TYR B 187 -25.77 -9.39 -19.74
N GLU B 188 -25.55 -10.61 -20.21
CA GLU B 188 -24.90 -11.65 -19.41
C GLU B 188 -23.44 -11.75 -19.82
N SER B 189 -23.10 -12.78 -20.59
CA SER B 189 -21.73 -13.00 -21.07
C SER B 189 -20.90 -13.84 -20.11
N PRO B 190 -20.87 -15.17 -20.31
CA PRO B 190 -20.10 -16.09 -19.47
C PRO B 190 -18.62 -16.01 -19.82
N VAL B 191 -17.79 -16.64 -19.00
CA VAL B 191 -16.35 -16.64 -19.22
C VAL B 191 -15.76 -17.84 -18.49
N ASN B 192 -14.71 -18.42 -19.05
CA ASN B 192 -14.09 -19.60 -18.44
C ASN B 192 -13.21 -19.31 -17.23
N TYR B 193 -12.63 -18.11 -17.19
CA TYR B 193 -11.77 -17.73 -16.08
C TYR B 193 -12.01 -16.29 -15.70
N TRP B 194 -12.30 -16.05 -14.43
CA TRP B 194 -12.58 -14.71 -13.92
C TRP B 194 -11.60 -14.29 -12.82
N MET B 195 -11.11 -13.06 -12.92
CA MET B 195 -10.20 -12.50 -11.91
C MET B 195 -10.56 -11.04 -11.70
N PRO B 196 -11.45 -10.78 -10.73
CA PRO B 196 -11.87 -9.40 -10.41
C PRO B 196 -10.69 -8.64 -9.83
N ILE B 197 -10.72 -7.32 -9.92
CA ILE B 197 -9.63 -6.50 -9.37
C ILE B 197 -10.20 -5.19 -8.87
N ASP B 198 -11.47 -4.95 -9.18
CA ASP B 198 -12.16 -3.73 -8.83
C ASP B 198 -13.37 -3.98 -7.93
N TRP B 199 -14.01 -2.91 -7.46
CA TRP B 199 -15.19 -3.04 -6.63
C TRP B 199 -16.40 -2.77 -7.52
N THR B 200 -16.13 -2.45 -8.77
CA THR B 200 -17.18 -2.16 -9.74
C THR B 200 -17.39 -3.26 -10.76
N GLY B 201 -16.71 -4.39 -10.60
CA GLY B 201 -16.87 -5.49 -11.54
C GLY B 201 -15.80 -5.58 -12.62
N VAL B 202 -14.85 -4.64 -12.57
CA VAL B 202 -13.76 -4.63 -13.54
C VAL B 202 -12.77 -5.72 -13.16
N GLY B 203 -12.37 -6.55 -14.12
CA GLY B 203 -11.43 -7.62 -13.85
C GLY B 203 -10.75 -8.14 -15.10
N ILE B 204 -10.10 -9.29 -14.97
CA ILE B 204 -9.41 -9.89 -16.11
C ILE B 204 -10.05 -11.26 -16.39
N HIS B 205 -10.49 -11.47 -17.62
CA HIS B 205 -11.11 -12.74 -18.00
C HIS B 205 -10.83 -13.08 -19.46
N ASP B 206 -11.15 -14.31 -19.86
CA ASP B 206 -10.93 -14.74 -21.23
C ASP B 206 -12.02 -14.15 -22.14
N SER B 207 -11.60 -13.66 -23.30
CA SER B 207 -12.51 -13.04 -24.25
C SER B 207 -12.69 -13.92 -25.47
N ASP B 208 -13.53 -14.93 -25.32
CA ASP B 208 -13.81 -15.88 -26.38
C ASP B 208 -14.25 -15.24 -27.69
N TRP B 209 -15.02 -14.16 -27.59
CA TRP B 209 -15.55 -13.45 -28.75
C TRP B 209 -14.64 -12.41 -29.39
N GLN B 210 -13.41 -12.27 -28.91
CA GLN B 210 -12.50 -11.30 -29.49
C GLN B 210 -11.63 -11.95 -30.56
N PRO B 211 -11.77 -11.49 -31.82
CA PRO B 211 -11.01 -12.03 -32.95
C PRO B 211 -9.54 -11.61 -32.90
N GLU B 212 -9.31 -10.32 -32.68
CA GLU B 212 -7.96 -9.76 -32.59
C GLU B 212 -7.84 -8.91 -31.32
N TYR B 213 -6.61 -8.61 -30.93
CA TYR B 213 -6.35 -7.80 -29.73
C TYR B 213 -5.34 -6.69 -29.98
N GLY B 214 -5.12 -5.86 -28.95
CA GLY B 214 -4.16 -4.77 -29.05
C GLY B 214 -4.58 -3.63 -29.94
N GLY B 215 -3.62 -2.77 -30.26
CA GLY B 215 -3.89 -1.63 -31.12
C GLY B 215 -4.92 -0.67 -30.60
N ASP B 216 -5.89 -0.31 -31.46
CA ASP B 216 -6.95 0.62 -31.09
C ASP B 216 -8.30 -0.06 -31.01
N LEU B 217 -8.31 -1.37 -31.25
CA LEU B 217 -9.54 -2.13 -31.23
C LEU B 217 -10.48 -1.65 -30.13
N TRP B 218 -9.96 -1.50 -28.91
CA TRP B 218 -10.78 -1.06 -27.78
C TRP B 218 -11.70 0.11 -28.12
N LYS B 219 -11.22 1.02 -28.96
CA LYS B 219 -12.03 2.17 -29.34
C LYS B 219 -13.29 1.72 -30.07
N THR B 220 -13.18 0.57 -30.74
CA THR B 220 -14.26 0.00 -31.52
C THR B 220 -14.95 -1.20 -30.89
N ARG B 221 -14.15 -2.11 -30.34
CA ARG B 221 -14.68 -3.33 -29.74
C ARG B 221 -14.43 -3.40 -28.23
N GLY B 222 -14.22 -2.24 -27.62
CA GLY B 222 -13.96 -2.17 -26.19
C GLY B 222 -15.01 -2.77 -25.27
N SER B 223 -14.53 -3.35 -24.16
CA SER B 223 -15.39 -3.98 -23.16
C SER B 223 -16.10 -2.93 -22.32
N HIS B 224 -16.75 -3.39 -21.25
CA HIS B 224 -17.44 -2.49 -20.34
C HIS B 224 -16.49 -2.01 -19.25
N GLY B 225 -15.25 -2.49 -19.32
CA GLY B 225 -14.26 -2.07 -18.35
C GLY B 225 -13.20 -3.11 -18.10
N SER B 226 -13.58 -4.38 -18.13
CA SER B 226 -12.62 -5.45 -17.89
C SER B 226 -11.58 -5.54 -18.99
N ILE B 227 -10.54 -6.32 -18.76
CA ILE B 227 -9.49 -6.50 -19.75
C ILE B 227 -9.74 -7.81 -20.48
N ASN B 228 -10.21 -7.71 -21.72
CA ASN B 228 -10.49 -8.87 -22.56
C ASN B 228 -9.16 -9.54 -22.89
N THR B 229 -9.04 -10.83 -22.59
CA THR B 229 -7.80 -11.56 -22.81
C THR B 229 -7.91 -12.79 -23.72
N PRO B 230 -6.86 -13.05 -24.52
CA PRO B 230 -6.85 -14.21 -25.43
C PRO B 230 -7.13 -15.49 -24.65
N PRO B 231 -8.23 -16.18 -24.98
CA PRO B 231 -8.66 -17.42 -24.32
C PRO B 231 -7.55 -18.37 -23.87
N SER B 232 -6.63 -18.68 -24.78
CA SER B 232 -5.55 -19.59 -24.46
C SER B 232 -4.58 -18.99 -23.45
N VAL B 233 -4.27 -17.70 -23.62
CA VAL B 233 -3.36 -17.00 -22.71
C VAL B 233 -4.01 -16.91 -21.33
N MET B 234 -5.28 -16.51 -21.31
CA MET B 234 -6.04 -16.39 -20.07
C MET B 234 -5.91 -17.65 -19.24
N LYS B 235 -6.05 -18.80 -19.87
CA LYS B 235 -5.94 -20.07 -19.18
C LYS B 235 -4.57 -20.25 -18.54
N GLU B 236 -3.52 -19.85 -19.26
CA GLU B 236 -2.18 -19.99 -18.74
C GLU B 236 -1.90 -18.95 -17.66
N LEU B 237 -2.58 -17.80 -17.74
CA LEU B 237 -2.42 -16.75 -16.76
C LEU B 237 -3.12 -17.16 -15.47
N PHE B 238 -4.40 -17.46 -15.59
CA PHE B 238 -5.22 -17.86 -14.45
C PHE B 238 -4.56 -19.01 -13.70
N GLY B 239 -3.81 -19.82 -14.43
CA GLY B 239 -3.15 -20.95 -13.79
C GLY B 239 -1.88 -20.57 -13.04
N MET B 240 -1.18 -19.55 -13.50
CA MET B 240 0.06 -19.16 -12.84
C MET B 240 -0.07 -17.94 -11.92
N VAL B 241 -1.17 -17.22 -12.02
CA VAL B 241 -1.37 -16.06 -11.16
C VAL B 241 -2.08 -16.39 -9.86
N GLU B 242 -1.44 -16.02 -8.77
CA GLU B 242 -1.93 -16.27 -7.43
C GLU B 242 -2.89 -15.19 -6.93
N LYS B 243 -3.91 -15.61 -6.21
CA LYS B 243 -4.91 -14.71 -5.63
C LYS B 243 -4.18 -13.74 -4.73
N GLY B 244 -4.38 -12.43 -4.94
CA GLY B 244 -3.71 -11.42 -4.15
C GLY B 244 -2.66 -10.64 -4.93
N THR B 245 -2.25 -11.18 -6.08
CA THR B 245 -1.26 -10.53 -6.93
C THR B 245 -1.71 -9.12 -7.33
N PRO B 246 -0.85 -8.11 -7.10
CA PRO B 246 -1.20 -6.74 -7.46
C PRO B 246 -1.40 -6.53 -8.97
N VAL B 247 -2.31 -5.61 -9.34
CA VAL B 247 -2.58 -5.34 -10.75
C VAL B 247 -2.57 -3.85 -11.07
N LEU B 248 -1.49 -3.39 -11.71
CA LEU B 248 -1.35 -1.99 -12.08
C LEU B 248 -1.94 -1.69 -13.46
N VAL B 249 -2.91 -0.78 -13.49
CA VAL B 249 -3.58 -0.38 -14.73
C VAL B 249 -3.37 1.13 -14.90
N PHE B 250 -2.74 1.54 -16.00
CA PHE B 250 -2.49 2.96 -16.26
C PHE B 250 -2.56 3.33 -17.75
N LYS C 1 -52.20 -10.47 1.74
CA LYS C 1 -52.56 -10.83 3.15
C LYS C 1 -51.73 -10.01 4.13
N GLU C 2 -52.08 -10.08 5.41
CA GLU C 2 -51.37 -9.35 6.47
C GLU C 2 -49.85 -9.60 6.42
N GLN C 3 -49.45 -10.68 5.75
CA GLN C 3 -48.05 -11.04 5.60
C GLN C 3 -47.26 -9.95 4.90
N LEU C 4 -47.93 -8.83 4.59
CA LEU C 4 -47.26 -7.70 3.98
C LEU C 4 -46.49 -7.08 5.14
N ALA C 5 -47.04 -7.23 6.35
CA ALA C 5 -46.43 -6.70 7.56
C ALA C 5 -45.15 -7.48 7.82
N SER C 6 -45.25 -8.79 7.60
CA SER C 6 -44.11 -9.68 7.78
C SER C 6 -42.99 -9.18 6.87
N MET C 7 -43.35 -8.85 5.63
CA MET C 7 -42.39 -8.35 4.65
C MET C 7 -41.75 -7.05 5.10
N ASN C 8 -42.56 -6.12 5.61
CA ASN C 8 -42.00 -4.85 6.05
C ASN C 8 -41.05 -5.07 7.23
N ALA C 9 -41.46 -5.91 8.17
CA ALA C 9 -40.64 -6.23 9.34
C ALA C 9 -39.28 -6.71 8.85
N ILE C 10 -39.31 -7.75 8.03
CA ILE C 10 -38.10 -8.32 7.47
C ILE C 10 -37.23 -7.24 6.84
N ALA C 11 -37.85 -6.41 6.00
CA ALA C 11 -37.12 -5.35 5.33
C ALA C 11 -36.31 -4.48 6.29
N ASN C 12 -36.78 -4.36 7.53
CA ASN C 12 -36.10 -3.52 8.52
C ASN C 12 -35.32 -4.29 9.56
N VAL C 13 -35.10 -5.58 9.30
CA VAL C 13 -34.34 -6.42 10.23
C VAL C 13 -32.89 -5.97 10.22
N LYS C 14 -32.28 -5.92 11.40
CA LYS C 14 -30.87 -5.55 11.52
C LYS C 14 -30.08 -6.84 11.67
N ALA C 15 -29.42 -7.24 10.60
CA ALA C 15 -28.61 -8.46 10.59
C ALA C 15 -27.16 -8.10 10.83
N THR C 16 -26.65 -8.53 11.97
CA THR C 16 -25.27 -8.25 12.32
C THR C 16 -24.39 -9.49 12.19
N TYR C 17 -23.25 -9.32 11.55
CA TYR C 17 -22.31 -10.40 11.37
C TYR C 17 -21.07 -10.15 12.21
N SER C 18 -20.54 -11.21 12.78
CA SER C 18 -19.32 -11.11 13.55
C SER C 18 -18.41 -12.09 12.86
N ILE C 19 -17.40 -11.59 12.15
CA ILE C 19 -16.50 -12.47 11.45
C ILE C 19 -15.05 -12.14 11.74
N ASN C 20 -14.31 -13.13 12.20
CA ASN C 20 -12.90 -12.97 12.52
C ASN C 20 -12.60 -11.68 13.30
N GLY C 21 -13.47 -11.32 14.23
CA GLY C 21 -13.22 -10.13 15.01
C GLY C 21 -13.94 -8.87 14.53
N GLU C 22 -14.25 -8.81 13.24
CA GLU C 22 -14.95 -7.66 12.68
C GLU C 22 -16.46 -7.80 12.82
N THR C 23 -17.13 -6.68 13.03
CA THR C 23 -18.59 -6.65 13.15
C THR C 23 -19.18 -5.68 12.13
N PHE C 24 -20.32 -6.02 11.55
CA PHE C 24 -20.96 -5.15 10.58
C PHE C 24 -22.40 -5.59 10.34
N GLN C 25 -23.20 -4.67 9.82
CA GLN C 25 -24.61 -4.96 9.54
C GLN C 25 -24.84 -5.15 8.05
N ILE C 26 -25.75 -6.05 7.69
CA ILE C 26 -26.07 -6.27 6.29
C ILE C 26 -26.92 -5.08 5.84
N PRO C 27 -26.48 -4.39 4.78
CA PRO C 27 -27.21 -3.22 4.26
C PRO C 27 -28.70 -3.50 4.02
N SER C 28 -29.55 -2.62 4.54
CA SER C 28 -31.00 -2.74 4.39
C SER C 28 -31.36 -2.90 2.93
N SER C 29 -30.69 -2.12 2.08
CA SER C 29 -30.94 -2.18 0.66
C SER C 29 -30.76 -3.62 0.18
N ASP C 30 -29.78 -4.32 0.76
CA ASP C 30 -29.55 -5.71 0.38
C ASP C 30 -30.78 -6.58 0.68
N ILE C 31 -31.25 -6.54 1.92
CA ILE C 31 -32.43 -7.32 2.29
C ILE C 31 -33.57 -6.97 1.36
N MET C 32 -33.79 -5.67 1.14
CA MET C 32 -34.86 -5.18 0.26
C MET C 32 -34.85 -5.95 -1.05
N SER C 33 -33.67 -6.05 -1.67
CA SER C 33 -33.51 -6.76 -2.93
C SER C 33 -33.86 -8.23 -2.82
N TRP C 34 -33.29 -8.90 -1.83
CA TRP C 34 -33.53 -10.31 -1.63
C TRP C 34 -35.00 -10.62 -1.36
N LEU C 35 -35.73 -9.65 -0.83
CA LEU C 35 -37.14 -9.83 -0.51
C LEU C 35 -37.88 -10.45 -1.67
N THR C 36 -38.80 -11.36 -1.36
CA THR C 36 -39.55 -12.06 -2.39
C THR C 36 -40.95 -12.49 -1.98
N TYR C 37 -41.88 -12.43 -2.93
CA TYR C 37 -43.25 -12.85 -2.68
C TYR C 37 -43.81 -13.51 -3.94
N ASN C 38 -44.14 -14.78 -3.81
CA ASN C 38 -44.68 -15.56 -4.91
C ASN C 38 -45.65 -16.58 -4.34
N ASP C 39 -46.70 -16.87 -5.08
CA ASP C 39 -47.70 -17.82 -4.65
C ASP C 39 -48.01 -17.79 -3.16
N GLY C 40 -48.30 -16.59 -2.65
CA GLY C 40 -48.65 -16.44 -1.25
C GLY C 40 -47.55 -16.73 -0.25
N LYS C 41 -46.33 -16.94 -0.72
CA LYS C 41 -45.23 -17.23 0.18
C LYS C 41 -44.20 -16.12 0.18
N VAL C 42 -43.75 -15.74 1.37
CA VAL C 42 -42.73 -14.71 1.50
C VAL C 42 -41.40 -15.46 1.59
N ASP C 43 -40.38 -14.98 0.88
CA ASP C 43 -39.09 -15.64 0.89
C ASP C 43 -37.95 -14.65 0.61
N LEU C 44 -36.80 -15.18 0.19
CA LEU C 44 -35.63 -14.38 -0.16
C LEU C 44 -34.95 -15.08 -1.33
N ASP C 45 -34.53 -14.30 -2.33
CA ASP C 45 -33.87 -14.87 -3.50
C ASP C 45 -32.63 -15.63 -3.06
N THR C 46 -32.74 -16.96 -3.04
CA THR C 46 -31.64 -17.82 -2.63
C THR C 46 -30.32 -17.50 -3.31
N GLU C 47 -30.40 -17.25 -4.62
CA GLU C 47 -29.22 -16.96 -5.41
C GLU C 47 -28.47 -15.72 -4.92
N GLN C 48 -29.21 -14.63 -4.73
CA GLN C 48 -28.60 -13.39 -4.28
C GLN C 48 -28.00 -13.53 -2.88
N VAL C 49 -28.71 -14.21 -1.98
CA VAL C 49 -28.21 -14.41 -0.62
C VAL C 49 -26.97 -15.29 -0.68
N ARG C 50 -27.04 -16.37 -1.45
CA ARG C 50 -25.90 -17.26 -1.57
C ARG C 50 -24.67 -16.49 -2.04
N GLN C 51 -24.86 -15.62 -3.03
CA GLN C 51 -23.75 -14.84 -3.55
C GLN C 51 -23.16 -13.98 -2.44
N TYR C 52 -24.03 -13.41 -1.63
CA TYR C 52 -23.59 -12.58 -0.52
C TYR C 52 -22.69 -13.40 0.39
N VAL C 53 -23.17 -14.58 0.77
CA VAL C 53 -22.40 -15.47 1.63
C VAL C 53 -21.10 -15.87 0.93
N THR C 54 -21.17 -16.12 -0.37
CA THR C 54 -19.97 -16.49 -1.10
C THR C 54 -18.94 -15.38 -0.93
N ASP C 55 -19.38 -14.14 -1.12
CA ASP C 55 -18.52 -12.98 -0.98
C ASP C 55 -17.95 -12.91 0.43
N LEU C 56 -18.76 -13.26 1.42
CA LEU C 56 -18.28 -13.23 2.82
C LEU C 56 -17.09 -14.19 2.93
N GLY C 57 -17.17 -15.32 2.25
CA GLY C 57 -16.08 -16.28 2.31
C GLY C 57 -14.83 -15.76 1.65
N THR C 58 -14.95 -15.29 0.41
CA THR C 58 -13.78 -14.80 -0.31
C THR C 58 -13.17 -13.55 0.30
N LYS C 59 -13.89 -12.93 1.23
CA LYS C 59 -13.41 -11.72 1.88
C LYS C 59 -12.84 -11.99 3.27
N TYR C 60 -13.36 -13.01 3.95
CA TYR C 60 -12.91 -13.31 5.31
C TYR C 60 -12.21 -14.64 5.53
N ASN C 61 -12.61 -15.68 4.79
CA ASN C 61 -12.01 -17.01 4.97
C ASN C 61 -10.51 -16.98 5.23
N THR C 62 -10.13 -17.35 6.44
CA THR C 62 -8.72 -17.37 6.80
C THR C 62 -7.98 -18.47 6.06
N SER C 63 -8.72 -19.24 5.26
CA SER C 63 -8.09 -20.32 4.49
C SER C 63 -7.57 -19.77 3.15
N THR C 64 -7.98 -18.57 2.78
CA THR C 64 -7.53 -17.95 1.52
C THR C 64 -7.14 -16.48 1.72
N ASN C 65 -7.06 -16.08 2.99
CA ASN C 65 -6.67 -14.71 3.33
C ASN C 65 -5.59 -14.72 4.41
N ASP C 66 -4.47 -14.09 4.12
CA ASP C 66 -3.37 -14.03 5.07
C ASP C 66 -3.81 -13.29 6.33
N THR C 67 -2.98 -13.38 7.37
CA THR C 67 -3.24 -12.74 8.65
C THR C 67 -2.27 -11.58 8.99
N LYS C 68 -2.85 -10.47 9.42
CA LYS C 68 -2.02 -9.33 9.82
C LYS C 68 -1.63 -9.63 11.26
N PHE C 69 -0.32 -9.73 11.51
CA PHE C 69 0.16 -10.06 12.84
C PHE C 69 1.07 -9.01 13.47
N LYS C 70 0.82 -8.71 14.75
CA LYS C 70 1.61 -7.74 15.48
C LYS C 70 2.78 -8.46 16.13
N SER C 71 3.94 -8.42 15.48
CA SER C 71 5.14 -9.09 15.98
C SER C 71 5.73 -8.37 17.17
N THR C 72 6.80 -8.95 17.71
CA THR C 72 7.47 -8.37 18.87
C THR C 72 8.60 -7.41 18.46
N LYS C 73 9.30 -7.75 17.38
CA LYS C 73 10.42 -6.95 16.92
C LYS C 73 10.22 -6.14 15.64
N ARG C 74 9.09 -6.32 14.96
CA ARG C 74 8.89 -5.60 13.70
C ARG C 74 7.57 -4.89 13.47
N GLY C 75 6.73 -4.77 14.49
CA GLY C 75 5.46 -4.12 14.29
C GLY C 75 4.53 -5.07 13.55
N GLU C 76 3.54 -4.54 12.83
CA GLU C 76 2.61 -5.41 12.14
C GLU C 76 3.12 -5.95 10.83
N VAL C 77 3.12 -7.28 10.72
CA VAL C 77 3.57 -7.95 9.51
C VAL C 77 2.47 -8.87 9.01
N THR C 78 2.70 -9.49 7.87
CA THR C 78 1.73 -10.40 7.30
C THR C 78 2.16 -11.85 7.46
N VAL C 79 1.27 -12.69 7.97
CA VAL C 79 1.59 -14.10 8.11
C VAL C 79 0.77 -14.86 7.08
N PRO C 80 1.44 -15.53 6.14
CA PRO C 80 0.78 -16.30 5.08
C PRO C 80 -0.18 -17.34 5.63
N VAL C 81 -1.21 -17.64 4.85
CA VAL C 81 -2.19 -18.65 5.22
C VAL C 81 -1.45 -19.96 5.52
N GLY C 82 -1.94 -20.70 6.51
CA GLY C 82 -1.32 -21.96 6.88
C GLY C 82 -2.35 -23.01 7.26
N THR C 83 -1.95 -23.97 8.09
CA THR C 83 -2.85 -25.04 8.51
C THR C 83 -4.01 -24.58 9.39
N TYR C 84 -3.77 -23.56 10.21
CA TYR C 84 -4.81 -23.07 11.11
C TYR C 84 -5.71 -22.11 10.36
N SER C 85 -6.91 -22.56 10.01
CA SER C 85 -7.84 -21.70 9.29
C SER C 85 -9.25 -22.27 9.31
N TRP C 86 -10.19 -21.48 8.77
CA TRP C 86 -11.57 -21.91 8.67
C TRP C 86 -12.14 -21.45 7.32
N THR C 87 -13.23 -22.09 6.91
CA THR C 87 -13.84 -21.78 5.64
C THR C 87 -15.36 -21.79 5.78
N ILE C 88 -15.97 -20.65 5.52
CA ILE C 88 -17.42 -20.55 5.63
C ILE C 88 -18.07 -21.63 4.75
N GLN C 89 -19.10 -22.27 5.29
CA GLN C 89 -19.82 -23.32 4.55
C GLN C 89 -20.99 -22.67 3.84
N THR C 90 -20.74 -22.17 2.64
CA THR C 90 -21.75 -21.47 1.83
C THR C 90 -23.20 -21.96 1.89
N ASP C 91 -23.46 -23.19 1.49
CA ASP C 91 -24.84 -23.64 1.52
C ASP C 91 -25.47 -23.66 2.90
N SER C 92 -24.78 -24.17 3.91
CA SER C 92 -25.35 -24.20 5.25
C SER C 92 -25.59 -22.77 5.75
N GLU C 93 -24.60 -21.92 5.57
CA GLU C 93 -24.69 -20.54 6.03
C GLU C 93 -25.79 -19.79 5.31
N THR C 94 -26.02 -20.11 4.05
CA THR C 94 -27.07 -19.43 3.31
C THR C 94 -28.43 -19.80 3.91
N GLU C 95 -28.65 -21.08 4.17
CA GLU C 95 -29.92 -21.51 4.77
C GLU C 95 -30.08 -20.84 6.13
N ALA C 96 -28.99 -20.79 6.89
CA ALA C 96 -29.05 -20.17 8.20
C ALA C 96 -29.42 -18.68 8.10
N LEU C 97 -28.70 -17.95 7.26
CA LEU C 97 -28.93 -16.52 7.08
C LEU C 97 -30.37 -16.24 6.66
N LYS C 98 -30.89 -17.01 5.71
CA LYS C 98 -32.26 -16.81 5.27
C LYS C 98 -33.26 -16.98 6.40
N LYS C 99 -33.08 -18.05 7.17
CA LYS C 99 -34.00 -18.30 8.27
C LYS C 99 -33.96 -17.16 9.25
N ALA C 100 -32.74 -16.73 9.60
CA ALA C 100 -32.57 -15.61 10.54
C ALA C 100 -33.37 -14.39 10.07
N ILE C 101 -33.14 -13.98 8.83
CA ILE C 101 -33.79 -12.83 8.24
C ILE C 101 -35.31 -12.99 8.12
N LEU C 102 -35.75 -14.07 7.48
CA LEU C 102 -37.18 -14.30 7.31
C LEU C 102 -37.94 -14.31 8.63
N ALA C 103 -37.21 -14.46 9.74
CA ALA C 103 -37.83 -14.49 11.06
C ALA C 103 -38.22 -13.08 11.49
N GLY C 104 -37.61 -12.10 10.85
CA GLY C 104 -37.91 -10.71 11.13
C GLY C 104 -37.57 -10.23 12.53
N GLN C 105 -36.37 -10.56 13.01
CA GLN C 105 -35.95 -10.12 14.34
C GLN C 105 -34.47 -9.82 14.31
N ASP C 106 -34.09 -8.66 14.84
CA ASP C 106 -32.69 -8.30 14.87
C ASP C 106 -31.91 -9.47 15.41
N PHE C 107 -30.70 -9.67 14.91
CA PHE C 107 -29.90 -10.80 15.35
C PHE C 107 -28.44 -10.63 14.99
N THR C 108 -27.61 -11.37 15.70
CA THR C 108 -26.17 -11.36 15.44
C THR C 108 -25.72 -12.81 15.29
N ARG C 109 -24.80 -13.06 14.39
CA ARG C 109 -24.32 -14.41 14.18
C ARG C 109 -22.96 -14.43 13.53
N SER C 110 -22.26 -15.54 13.74
CA SER C 110 -20.97 -15.77 13.13
C SER C 110 -21.30 -16.97 12.26
N PRO C 111 -20.81 -16.97 11.02
CA PRO C 111 -21.06 -18.04 10.05
C PRO C 111 -20.68 -19.46 10.43
N ILE C 112 -21.33 -20.41 9.76
CA ILE C 112 -21.04 -21.82 9.95
C ILE C 112 -19.75 -22.05 9.15
N VAL C 113 -18.72 -22.59 9.80
CA VAL C 113 -17.47 -22.82 9.09
C VAL C 113 -16.96 -24.22 9.36
N GLN C 114 -15.80 -24.50 8.80
CA GLN C 114 -15.12 -25.77 8.99
C GLN C 114 -13.66 -25.40 9.11
N GLY C 115 -12.94 -26.05 10.01
CA GLY C 115 -11.53 -25.75 10.17
C GLY C 115 -11.07 -25.80 11.61
N GLY C 116 -9.84 -25.35 11.83
CA GLY C 116 -9.27 -25.37 13.16
C GLY C 116 -10.07 -24.70 14.25
N THR C 117 -10.85 -23.68 13.90
CA THR C 117 -11.66 -22.98 14.89
C THR C 117 -12.84 -22.28 14.22
N THR C 118 -13.75 -21.71 15.00
CA THR C 118 -14.87 -21.00 14.41
C THR C 118 -14.49 -19.55 14.13
N ALA C 119 -15.43 -18.81 13.55
CA ALA C 119 -15.19 -17.42 13.17
C ALA C 119 -15.77 -16.35 14.08
N ASP C 120 -16.15 -16.75 15.29
CA ASP C 120 -16.73 -15.78 16.23
C ASP C 120 -15.66 -15.02 17.01
N HIS C 121 -14.42 -15.05 16.54
CA HIS C 121 -13.34 -14.34 17.22
C HIS C 121 -12.13 -14.17 16.30
N PRO C 122 -11.18 -13.31 16.68
CA PRO C 122 -10.00 -13.12 15.83
C PRO C 122 -9.23 -14.45 15.73
N LEU C 123 -8.78 -14.80 14.53
CA LEU C 123 -8.08 -16.06 14.36
C LEU C 123 -6.91 -16.17 15.34
N ILE C 124 -6.34 -15.03 15.72
CA ILE C 124 -5.24 -15.00 16.66
C ILE C 124 -5.64 -14.07 17.78
N GLU C 125 -5.71 -14.58 19.00
CA GLU C 125 -6.06 -13.77 20.14
C GLU C 125 -4.80 -13.40 20.94
N ASP C 126 -4.76 -13.63 22.25
CA ASP C 126 -3.54 -13.25 22.97
C ASP C 126 -2.65 -14.38 23.45
N THR C 127 -2.96 -15.61 23.06
CA THR C 127 -2.14 -16.75 23.44
C THR C 127 -1.65 -17.41 22.15
N TYR C 128 -0.34 -17.42 21.94
CA TYR C 128 0.23 -18.01 20.73
C TYR C 128 1.74 -18.12 20.79
N ILE C 129 2.32 -18.83 19.83
CA ILE C 129 3.74 -19.00 19.74
C ILE C 129 4.22 -18.19 18.55
N GLU C 130 5.13 -17.26 18.79
CA GLU C 130 5.66 -16.43 17.72
C GLU C 130 7.06 -16.88 17.31
N VAL C 131 7.20 -17.32 16.07
CA VAL C 131 8.50 -17.77 15.58
C VAL C 131 8.98 -16.78 14.52
N ASP C 132 9.99 -16.01 14.90
CA ASP C 132 10.58 -14.99 14.04
C ASP C 132 11.80 -15.58 13.35
N LEU C 133 11.64 -16.01 12.10
CA LEU C 133 12.76 -16.60 11.37
C LEU C 133 13.93 -15.64 11.19
N GLU C 134 13.64 -14.40 10.83
CA GLU C 134 14.65 -13.38 10.62
C GLU C 134 15.61 -13.26 11.81
N ASN C 135 15.06 -13.23 13.02
CA ASN C 135 15.87 -13.13 14.23
C ASN C 135 16.16 -14.48 14.84
N GLN C 136 15.59 -15.53 14.26
CA GLN C 136 15.81 -16.88 14.76
C GLN C 136 15.46 -16.96 16.24
N HIS C 137 14.35 -16.34 16.62
CA HIS C 137 13.91 -16.29 18.02
C HIS C 137 12.44 -16.71 18.17
N MET C 138 12.07 -17.24 19.33
CA MET C 138 10.70 -17.69 19.56
C MET C 138 10.07 -17.20 20.86
N TRP C 139 8.81 -16.78 20.77
CA TRP C 139 8.06 -16.29 21.94
C TRP C 139 6.82 -17.13 22.16
N TYR C 140 6.39 -17.20 23.40
CA TYR C 140 5.16 -17.89 23.75
C TYR C 140 4.35 -16.92 24.59
N TYR C 141 3.36 -16.29 23.96
CA TYR C 141 2.52 -15.34 24.67
C TYR C 141 1.34 -16.07 25.25
N LYS C 142 1.08 -15.82 26.54
CA LYS C 142 -0.02 -16.42 27.24
C LYS C 142 -0.82 -15.27 27.81
N ASP C 143 -2.07 -15.17 27.38
CA ASP C 143 -2.92 -14.08 27.84
C ASP C 143 -2.21 -12.75 27.72
N GLY C 144 -1.59 -12.50 26.56
CA GLY C 144 -0.92 -11.24 26.33
C GLY C 144 0.47 -11.05 26.91
N LYS C 145 0.86 -11.91 27.85
CA LYS C 145 2.19 -11.77 28.44
C LYS C 145 3.15 -12.85 27.98
N VAL C 146 4.39 -12.46 27.74
CA VAL C 146 5.42 -13.39 27.30
C VAL C 146 5.70 -14.37 28.42
N ALA C 147 5.27 -15.61 28.25
CA ALA C 147 5.50 -16.62 29.27
C ALA C 147 6.84 -17.31 29.09
N LEU C 148 7.42 -17.18 27.91
CA LEU C 148 8.69 -17.83 27.65
C LEU C 148 9.20 -17.46 26.27
N GLU C 149 10.51 -17.32 26.13
CA GLU C 149 11.11 -17.00 24.84
C GLU C 149 12.49 -17.64 24.74
N THR C 150 13.01 -17.76 23.53
CA THR C 150 14.31 -18.38 23.32
C THR C 150 14.79 -18.32 21.88
N ASP C 151 16.10 -18.43 21.69
CA ASP C 151 16.65 -18.44 20.35
C ASP C 151 16.35 -19.83 19.84
N ILE C 152 16.30 -20.00 18.52
CA ILE C 152 16.00 -21.29 17.92
C ILE C 152 16.79 -21.48 16.65
N VAL C 153 16.54 -22.59 15.96
CA VAL C 153 17.24 -22.84 14.70
C VAL C 153 16.28 -23.47 13.71
N SER C 154 15.85 -22.68 12.73
CA SER C 154 14.92 -23.15 11.71
C SER C 154 15.64 -24.06 10.73
N GLY C 155 14.94 -24.47 9.68
CA GLY C 155 15.55 -25.34 8.71
C GLY C 155 16.64 -24.66 7.92
N LYS C 156 17.53 -25.45 7.33
CA LYS C 156 18.63 -24.94 6.52
C LYS C 156 18.05 -24.41 5.20
N PRO C 157 18.79 -23.55 4.49
CA PRO C 157 18.34 -22.97 3.23
C PRO C 157 17.74 -23.94 2.20
N THR C 158 18.20 -25.18 2.21
CA THR C 158 17.69 -26.18 1.27
C THR C 158 16.34 -26.77 1.70
N THR C 159 16.07 -26.72 3.00
CA THR C 159 14.81 -27.21 3.57
C THR C 159 14.37 -26.17 4.59
N PRO C 160 13.97 -24.99 4.11
CA PRO C 160 13.52 -23.86 4.93
C PRO C 160 12.29 -24.15 5.78
N THR C 161 12.15 -23.44 6.90
CA THR C 161 10.97 -23.59 7.73
C THR C 161 9.94 -22.75 7.00
N PRO C 162 8.80 -23.33 6.65
CA PRO C 162 7.78 -22.56 5.95
C PRO C 162 7.14 -21.47 6.81
N ALA C 163 6.71 -20.38 6.19
CA ALA C 163 6.07 -19.32 6.94
C ALA C 163 4.57 -19.63 6.93
N GLY C 164 3.82 -19.07 7.87
CA GLY C 164 2.39 -19.32 7.86
C GLY C 164 1.73 -19.44 9.21
N VAL C 165 0.40 -19.34 9.21
CA VAL C 165 -0.40 -19.45 10.42
C VAL C 165 -0.68 -20.91 10.70
N PHE C 166 0.09 -21.48 11.62
CA PHE C 166 -0.05 -22.87 11.97
C PHE C 166 -0.63 -23.02 13.37
N TYR C 167 -0.53 -24.22 13.93
CA TYR C 167 -1.02 -24.45 15.28
C TYR C 167 -0.61 -25.84 15.79
N VAL C 168 -0.43 -25.92 17.11
CA VAL C 168 -0.04 -27.17 17.76
C VAL C 168 -1.23 -28.11 17.69
N TRP C 169 -1.33 -28.88 16.61
CA TRP C 169 -2.45 -29.81 16.47
C TRP C 169 -2.24 -31.10 17.23
N ASN C 170 -1.09 -31.23 17.89
CA ASN C 170 -0.82 -32.42 18.67
C ASN C 170 0.42 -32.29 19.52
N LYS C 171 0.39 -32.84 20.73
CA LYS C 171 1.55 -32.83 21.63
C LYS C 171 1.93 -34.28 21.80
N GLU C 172 3.20 -34.61 21.57
CA GLU C 172 3.66 -35.98 21.66
C GLU C 172 5.05 -36.09 22.28
N GLU C 173 5.20 -36.97 23.27
CA GLU C 173 6.49 -37.17 23.94
C GLU C 173 7.19 -38.41 23.38
N ASP C 174 8.51 -38.44 23.50
CA ASP C 174 9.30 -39.57 23.02
C ASP C 174 8.88 -40.02 21.63
N ALA C 175 9.06 -39.14 20.65
CA ALA C 175 8.70 -39.45 19.29
C ALA C 175 9.96 -39.54 18.45
N THR C 176 9.85 -40.12 17.26
CA THR C 176 10.99 -40.26 16.38
C THR C 176 10.64 -39.73 15.00
N LEU C 177 11.13 -38.54 14.70
CA LEU C 177 10.86 -37.90 13.42
C LEU C 177 11.67 -38.55 12.29
N LYS C 178 10.98 -39.06 11.28
CA LYS C 178 11.63 -39.69 10.14
C LYS C 178 11.57 -38.78 8.91
N GLY C 179 12.62 -38.79 8.10
CA GLY C 179 12.65 -37.96 6.92
C GLY C 179 13.63 -38.40 5.85
N THR C 180 14.01 -37.47 4.97
CA THR C 180 14.95 -37.76 3.89
C THR C 180 15.92 -36.60 3.64
N ASN C 181 17.13 -36.93 3.17
CA ASN C 181 18.14 -35.91 2.90
C ASN C 181 18.32 -35.69 1.40
N GLY C 184 19.05 -37.97 -1.66
CA GLY C 184 18.40 -38.93 -0.78
C GLY C 184 19.25 -39.25 0.44
N THR C 185 18.77 -40.21 1.24
CA THR C 185 19.42 -40.69 2.48
C THR C 185 18.43 -40.66 3.64
N PRO C 186 17.52 -41.64 3.70
CA PRO C 186 16.51 -41.72 4.77
C PRO C 186 17.12 -41.54 6.17
N TYR C 187 16.47 -40.73 7.00
CA TYR C 187 16.96 -40.48 8.36
C TYR C 187 15.87 -40.61 9.41
N GLU C 188 16.25 -40.48 10.67
CA GLU C 188 15.29 -40.58 11.78
C GLU C 188 15.95 -40.08 13.05
N SER C 189 15.32 -39.09 13.70
CA SER C 189 15.88 -38.54 14.93
C SER C 189 14.86 -38.50 16.08
N PRO C 190 15.24 -39.06 17.24
CA PRO C 190 14.40 -39.13 18.45
C PRO C 190 14.32 -37.79 19.19
N VAL C 191 13.13 -37.45 19.65
CA VAL C 191 12.94 -36.20 20.37
C VAL C 191 12.06 -36.40 21.60
N ASN C 192 12.44 -35.76 22.70
CA ASN C 192 11.69 -35.88 23.94
C ASN C 192 10.31 -35.29 23.84
N TYR C 193 10.23 -34.10 23.22
CA TYR C 193 8.95 -33.41 23.06
C TYR C 193 8.72 -32.98 21.62
N TRP C 194 7.53 -33.29 21.12
CA TRP C 194 7.14 -33.00 19.74
C TRP C 194 5.83 -32.23 19.66
N MET C 195 5.82 -31.19 18.84
CA MET C 195 4.62 -30.40 18.64
C MET C 195 4.50 -30.09 17.16
N PRO C 196 3.87 -30.99 16.40
CA PRO C 196 3.73 -30.75 14.96
C PRO C 196 2.85 -29.53 14.74
N ILE C 197 3.13 -28.76 13.69
CA ILE C 197 2.31 -27.59 13.43
C ILE C 197 1.72 -27.52 12.01
N ASP C 198 2.29 -28.27 11.07
CA ASP C 198 1.74 -28.28 9.71
C ASP C 198 1.55 -29.71 9.21
N TRP C 199 1.21 -29.86 7.95
CA TRP C 199 0.96 -31.19 7.39
C TRP C 199 2.14 -31.78 6.63
N THR C 200 3.33 -31.18 6.78
CA THR C 200 4.50 -31.69 6.07
C THR C 200 5.62 -32.12 7.01
N GLY C 201 5.33 -32.27 8.28
CA GLY C 201 6.37 -32.68 9.21
C GLY C 201 7.06 -31.55 9.95
N VAL C 202 6.60 -30.32 9.76
CA VAL C 202 7.22 -29.20 10.46
C VAL C 202 6.55 -29.02 11.82
N GLY C 203 7.36 -28.87 12.86
CA GLY C 203 6.83 -28.68 14.20
C GLY C 203 7.89 -28.14 15.13
N ILE C 204 7.60 -28.15 16.43
CA ILE C 204 8.55 -27.65 17.41
C ILE C 204 9.00 -28.80 18.31
N HIS C 205 10.32 -28.95 18.45
CA HIS C 205 10.87 -30.02 19.28
C HIS C 205 12.25 -29.64 19.81
N ASP C 206 12.72 -30.39 20.81
CA ASP C 206 14.02 -30.16 21.40
C ASP C 206 15.11 -30.70 20.47
N SER C 207 16.31 -30.18 20.62
CA SER C 207 17.44 -30.62 19.78
C SER C 207 18.75 -30.69 20.56
N ASP C 208 19.02 -31.87 21.13
CA ASP C 208 20.24 -32.12 21.91
C ASP C 208 21.49 -31.90 21.08
N TRP C 209 21.39 -32.18 19.79
CA TRP C 209 22.52 -32.04 18.88
C TRP C 209 22.78 -30.59 18.45
N GLN C 210 22.23 -29.64 19.19
CA GLN C 210 22.43 -28.23 18.87
C GLN C 210 23.22 -27.52 19.95
N PRO C 211 24.47 -27.16 19.63
CA PRO C 211 25.37 -26.46 20.55
C PRO C 211 24.89 -25.07 20.91
N GLU C 212 24.78 -24.21 19.91
CA GLU C 212 24.34 -22.82 20.09
C GLU C 212 23.11 -22.54 19.22
N TYR C 213 22.29 -21.57 19.62
CA TYR C 213 21.09 -21.23 18.87
C TYR C 213 21.06 -19.77 18.43
N GLY C 214 20.15 -19.45 17.52
CA GLY C 214 20.02 -18.10 17.03
C GLY C 214 21.06 -17.72 15.98
N GLY C 215 21.14 -16.42 15.66
CA GLY C 215 22.12 -15.95 14.70
C GLY C 215 22.03 -16.50 13.29
N ASP C 216 23.17 -16.94 12.76
CA ASP C 216 23.27 -17.49 11.41
C ASP C 216 23.35 -19.01 11.41
N LEU C 217 23.44 -19.58 12.61
CA LEU C 217 23.53 -21.03 12.76
C LEU C 217 22.72 -21.83 11.74
N TRP C 218 21.50 -21.39 11.47
CA TRP C 218 20.63 -22.10 10.52
C TRP C 218 21.21 -22.28 9.12
N LYS C 219 22.06 -21.34 8.69
CA LYS C 219 22.65 -21.45 7.36
C LYS C 219 23.66 -22.58 7.35
N THR C 220 24.38 -22.72 8.47
CA THR C 220 25.38 -23.76 8.64
C THR C 220 24.74 -25.10 8.98
N ARG C 221 24.20 -25.20 10.19
CA ARG C 221 23.58 -26.44 10.63
C ARG C 221 22.06 -26.33 10.84
N GLY C 222 21.37 -25.84 9.82
CA GLY C 222 19.92 -25.72 9.90
C GLY C 222 19.31 -27.11 9.96
N SER C 223 18.00 -27.19 10.11
CA SER C 223 17.33 -28.49 10.18
C SER C 223 16.59 -28.80 8.89
N HIS C 224 15.64 -29.72 8.95
CA HIS C 224 14.86 -30.08 7.77
C HIS C 224 13.58 -29.26 7.68
N GLY C 225 13.27 -28.49 8.73
CA GLY C 225 12.08 -27.67 8.74
C GLY C 225 11.56 -27.32 10.12
N SER C 226 11.65 -28.27 11.05
CA SER C 226 11.18 -28.03 12.41
C SER C 226 12.00 -26.97 13.13
N ILE C 227 11.42 -26.40 14.18
CA ILE C 227 12.09 -25.38 14.96
C ILE C 227 12.87 -26.05 16.09
N ASN C 228 14.19 -26.08 15.93
CA ASN C 228 15.08 -26.69 16.91
C ASN C 228 15.09 -25.81 18.16
N THR C 229 14.68 -26.39 19.28
CA THR C 229 14.60 -25.66 20.53
C THR C 229 15.54 -26.20 21.59
N PRO C 230 16.12 -25.31 22.40
CA PRO C 230 17.02 -25.80 23.44
C PRO C 230 16.21 -26.70 24.36
N PRO C 231 16.65 -27.96 24.52
CA PRO C 231 16.03 -29.00 25.36
C PRO C 231 15.35 -28.49 26.61
N SER C 232 16.11 -27.86 27.49
CA SER C 232 15.57 -27.32 28.73
C SER C 232 14.34 -26.44 28.50
N VAL C 233 14.41 -25.60 27.48
CA VAL C 233 13.31 -24.69 27.16
C VAL C 233 12.11 -25.47 26.66
N MET C 234 12.35 -26.33 25.68
CA MET C 234 11.29 -27.16 25.10
C MET C 234 10.49 -27.87 26.18
N LYS C 235 11.18 -28.43 27.15
CA LYS C 235 10.50 -29.15 28.23
C LYS C 235 9.50 -28.22 28.94
N GLU C 236 9.92 -26.99 29.18
CA GLU C 236 9.08 -26.01 29.84
C GLU C 236 7.95 -25.52 28.94
N LEU C 237 8.26 -25.37 27.66
CA LEU C 237 7.29 -24.94 26.66
C LEU C 237 6.19 -25.98 26.55
N PHE C 238 6.61 -27.20 26.19
CA PHE C 238 5.68 -28.31 26.05
C PHE C 238 4.80 -28.41 27.28
N GLY C 239 5.37 -28.07 28.43
CA GLY C 239 4.62 -28.15 29.66
C GLY C 239 3.52 -27.11 29.80
N MET C 240 3.75 -25.90 29.32
CA MET C 240 2.74 -24.85 29.44
C MET C 240 1.88 -24.60 28.20
N VAL C 241 2.32 -25.08 27.04
CA VAL C 241 1.57 -24.88 25.82
C VAL C 241 0.46 -25.90 25.56
N GLU C 242 -0.76 -25.40 25.59
CA GLU C 242 -1.95 -26.19 25.38
C GLU C 242 -2.08 -26.60 23.90
N LYS C 243 -2.66 -27.77 23.66
CA LYS C 243 -2.86 -28.25 22.29
C LYS C 243 -3.92 -27.38 21.67
N GLY C 244 -3.64 -26.90 20.47
CA GLY C 244 -4.58 -26.02 19.77
C GLY C 244 -4.03 -24.60 19.70
N THR C 245 -2.93 -24.36 20.40
CA THR C 245 -2.32 -23.04 20.40
C THR C 245 -1.82 -22.66 19.02
N PRO C 246 -2.17 -21.45 18.55
CA PRO C 246 -1.73 -20.97 17.23
C PRO C 246 -0.22 -20.74 17.20
N VAL C 247 0.39 -20.98 16.05
CA VAL C 247 1.83 -20.78 15.91
C VAL C 247 2.09 -20.00 14.64
N LEU C 248 2.69 -18.83 14.81
CA LEU C 248 3.02 -17.96 13.69
C LEU C 248 4.47 -18.02 13.34
N VAL C 249 4.76 -18.25 12.06
CA VAL C 249 6.13 -18.32 11.55
C VAL C 249 6.24 -17.34 10.39
N PHE C 250 7.19 -16.40 10.50
CA PHE C 250 7.41 -15.41 9.44
C PHE C 250 8.87 -14.98 9.39
S SO4 D . 2.69 33.55 11.04
O1 SO4 D . 3.91 33.80 10.25
O2 SO4 D . 2.47 32.10 11.13
O3 SO4 D . 2.85 34.11 12.38
O4 SO4 D . 1.52 34.17 10.39
S SO4 E . -16.84 -7.28 -20.72
O1 SO4 E . -16.52 -8.21 -19.61
O2 SO4 E . -15.86 -7.47 -21.80
O3 SO4 E . -18.19 -7.59 -21.23
O4 SO4 E . -16.80 -5.89 -20.23
S SO4 F . 14.56 -31.75 12.17
O1 SO4 F . 14.97 -31.38 10.81
O2 SO4 F . 15.48 -32.77 12.72
O3 SO4 F . 14.59 -30.55 13.02
O4 SO4 F . 13.18 -32.30 12.14
#